data_4FN4
#
_entry.id   4FN4
#
_cell.length_a   83.800
_cell.length_b   60.480
_cell.length_c   107.080
_cell.angle_alpha   90.00
_cell.angle_beta   99.78
_cell.angle_gamma   90.00
#
_symmetry.space_group_name_H-M   'P 1 21 1'
#
loop_
_entity.id
_entity.type
_entity.pdbx_description
1 polymer 'Short chain dehydrogenase'
2 non-polymer NICOTINAMIDE-ADENINE-DINUCLEOTIDE
3 non-polymer GLYCEROL
4 non-polymer 'SULFATE ION'
5 water water
#
_entity_poly.entity_id   1
_entity_poly.type   'polypeptide(L)'
_entity_poly.pdbx_seq_one_letter_code
;SYQSLKNKVVIVTGAGSGIGRAIAKKFALNDSIVVAVELLEDRLNQIVQELRGMGKEVLGVKADVSKKKDVEEFVRRTFE
TYSRIDVLCNNAGIMDGVTPVAEVSDELWERVLAVNLYSAFYSSRAVIPIMLKQGKGVIVNTASIAGIRGGFAGAPYTVA
KHGLIGLTRSIAAHYGDQGIRAVAVLPGTVKTNIGLGSSKPSELGMRTLTKLMSLSSRLAEPEDIANVIVFLASDEASFV
NGDAVVVDGGLTVL
;
_entity_poly.pdbx_strand_id   A,B,C,D
#
loop_
_chem_comp.id
_chem_comp.type
_chem_comp.name
_chem_comp.formula
GOL non-polymer GLYCEROL 'C3 H8 O3'
NAD non-polymer NICOTINAMIDE-ADENINE-DINUCLEOTIDE 'C21 H27 N7 O14 P2'
SO4 non-polymer 'SULFATE ION' 'O4 S -2'
#
# COMPACT_ATOMS: atom_id res chain seq x y z
N SER A 1 6.31 27.07 -18.25
CA SER A 1 7.39 26.03 -18.34
C SER A 1 8.14 25.97 -17.02
N TYR A 2 8.94 24.93 -16.83
CA TYR A 2 9.71 24.80 -15.60
C TYR A 2 11.11 25.32 -15.87
N GLN A 3 11.46 26.43 -15.23
CA GLN A 3 12.78 27.04 -15.43
C GLN A 3 13.94 26.07 -15.18
N SER A 4 13.79 25.20 -14.20
CA SER A 4 14.85 24.25 -13.85
C SER A 4 15.10 23.18 -14.89
N LEU A 5 14.26 23.09 -15.91
CA LEU A 5 14.45 22.08 -16.94
C LEU A 5 15.15 22.64 -18.18
N LYS A 6 15.24 23.96 -18.27
CA LYS A 6 15.88 24.57 -19.43
C LYS A 6 17.33 24.09 -19.57
N ASN A 7 17.67 23.64 -20.78
CA ASN A 7 18.99 23.13 -21.11
C ASN A 7 19.48 21.91 -20.35
N LYS A 8 18.57 21.24 -19.65
CA LYS A 8 18.93 20.00 -18.94
C LYS A 8 18.86 18.88 -19.97
N VAL A 9 19.75 17.90 -19.85
CA VAL A 9 19.80 16.78 -20.79
C VAL A 9 18.90 15.65 -20.29
N VAL A 10 17.92 15.28 -21.11
CA VAL A 10 16.94 14.25 -20.75
C VAL A 10 16.90 13.11 -21.75
N ILE A 11 17.05 11.87 -21.26
CA ILE A 11 16.96 10.70 -22.12
C ILE A 11 15.53 10.17 -21.98
N VAL A 12 14.87 9.95 -23.11
CA VAL A 12 13.50 9.44 -23.12
C VAL A 12 13.45 8.17 -23.97
N THR A 13 13.15 7.03 -23.37
CA THR A 13 13.08 5.79 -24.14
C THR A 13 11.64 5.56 -24.61
N GLY A 14 11.49 4.82 -25.71
CA GLY A 14 10.19 4.60 -26.29
C GLY A 14 9.63 5.93 -26.79
N ALA A 15 10.52 6.82 -27.24
CA ALA A 15 10.12 8.15 -27.67
C ALA A 15 9.30 8.26 -28.96
N GLY A 16 9.23 7.19 -29.74
CA GLY A 16 8.51 7.25 -30.99
C GLY A 16 6.99 7.17 -30.98
N SER A 17 6.39 6.88 -29.82
CA SER A 17 4.94 6.75 -29.77
C SER A 17 4.37 6.96 -28.38
N GLY A 18 3.05 7.12 -28.33
CA GLY A 18 2.33 7.29 -27.08
C GLY A 18 2.90 8.21 -26.04
N ILE A 19 3.01 7.70 -24.82
CA ILE A 19 3.51 8.48 -23.68
C ILE A 19 4.93 9.00 -23.94
N GLY A 20 5.79 8.14 -24.49
CA GLY A 20 7.16 8.55 -24.76
C GLY A 20 7.23 9.74 -25.70
N ARG A 21 6.43 9.70 -26.76
CA ARG A 21 6.39 10.79 -27.73
C ARG A 21 5.96 12.07 -27.02
N ALA A 22 4.95 11.96 -26.16
CA ALA A 22 4.44 13.11 -25.41
C ALA A 22 5.47 13.63 -24.41
N ILE A 23 6.25 12.74 -23.82
CA ILE A 23 7.28 13.13 -22.86
C ILE A 23 8.34 13.95 -23.61
N ALA A 24 8.78 13.43 -24.76
CA ALA A 24 9.80 14.12 -25.54
C ALA A 24 9.36 15.53 -25.95
N LYS A 25 8.13 15.65 -26.46
CA LYS A 25 7.63 16.95 -26.88
C LYS A 25 7.50 17.92 -25.72
N LYS A 26 7.05 17.42 -24.57
CA LYS A 26 6.88 18.27 -23.40
C LYS A 26 8.22 18.80 -22.88
N PHE A 27 9.23 17.94 -22.80
CA PHE A 27 10.54 18.40 -22.34
C PHE A 27 11.10 19.39 -23.35
N ALA A 28 10.90 19.12 -24.63
CA ALA A 28 11.40 20.01 -25.67
C ALA A 28 10.75 21.39 -25.53
N LEU A 29 9.46 21.42 -25.23
CA LEU A 29 8.78 22.70 -25.05
C LEU A 29 9.28 23.44 -23.82
N ASN A 30 9.93 22.71 -22.91
CA ASN A 30 10.50 23.33 -21.72
C ASN A 30 11.98 23.66 -21.97
N ASP A 31 12.36 23.56 -23.23
CA ASP A 31 13.72 23.84 -23.67
C ASP A 31 14.81 22.92 -23.13
N SER A 32 14.44 21.69 -22.81
CA SER A 32 15.39 20.70 -22.36
C SER A 32 16.02 20.11 -23.64
N ILE A 33 17.18 19.49 -23.47
CA ILE A 33 17.85 18.82 -24.59
C ILE A 33 17.32 17.40 -24.48
N VAL A 34 16.72 16.90 -25.56
CA VAL A 34 16.14 15.56 -25.53
C VAL A 34 16.88 14.52 -26.37
N VAL A 35 17.17 13.39 -25.75
CA VAL A 35 17.80 12.28 -26.45
C VAL A 35 16.64 11.29 -26.58
N ALA A 36 16.13 11.17 -27.80
CA ALA A 36 14.99 10.30 -28.08
C ALA A 36 15.45 8.90 -28.47
N VAL A 37 15.17 7.93 -27.60
CA VAL A 37 15.57 6.54 -27.84
C VAL A 37 14.34 5.75 -28.29
N GLU A 38 14.45 5.08 -29.44
CA GLU A 38 13.33 4.34 -29.99
C GLU A 38 13.81 3.17 -30.83
N LEU A 39 13.08 2.06 -30.77
CA LEU A 39 13.41 0.84 -31.50
C LEU A 39 13.11 0.93 -33.00
N LEU A 40 11.97 1.54 -33.34
CA LEU A 40 11.54 1.64 -34.73
C LEU A 40 12.02 2.92 -35.42
N GLU A 41 12.72 2.73 -36.53
CA GLU A 41 13.29 3.82 -37.32
C GLU A 41 12.35 4.91 -37.80
N ASP A 42 11.24 4.52 -38.41
CA ASP A 42 10.31 5.53 -38.91
C ASP A 42 9.73 6.36 -37.77
N ARG A 43 9.40 5.72 -36.66
CA ARG A 43 8.86 6.44 -35.51
C ARG A 43 9.93 7.37 -34.94
N LEU A 44 11.16 6.89 -34.88
CA LEU A 44 12.25 7.71 -34.36
C LEU A 44 12.39 8.97 -35.22
N ASN A 45 12.42 8.79 -36.54
CA ASN A 45 12.56 9.95 -37.42
C ASN A 45 11.42 10.94 -37.25
N GLN A 46 10.21 10.44 -37.09
CA GLN A 46 9.05 11.29 -36.92
C GLN A 46 9.15 12.18 -35.69
N ILE A 47 9.53 11.60 -34.56
CA ILE A 47 9.63 12.40 -33.33
C ILE A 47 10.78 13.39 -33.45
N VAL A 48 11.90 12.95 -34.02
CA VAL A 48 13.04 13.85 -34.18
C VAL A 48 12.60 15.04 -35.03
N GLN A 49 11.90 14.78 -36.12
CA GLN A 49 11.44 15.84 -37.01
C GLN A 49 10.47 16.79 -36.32
N GLU A 50 9.62 16.27 -35.45
CA GLU A 50 8.67 17.10 -34.71
C GLU A 50 9.38 18.06 -33.78
N LEU A 51 10.40 17.60 -33.08
CA LEU A 51 11.14 18.48 -32.18
C LEU A 51 11.95 19.53 -32.93
N ARG A 52 12.59 19.13 -34.02
CA ARG A 52 13.38 20.08 -34.80
C ARG A 52 12.51 21.14 -35.45
N GLY A 53 11.28 20.75 -35.82
CA GLY A 53 10.37 21.70 -36.41
C GLY A 53 10.01 22.81 -35.44
N MET A 54 10.18 22.53 -34.15
CA MET A 54 9.88 23.53 -33.12
C MET A 54 11.17 24.28 -32.80
N GLY A 55 12.25 23.91 -33.47
CA GLY A 55 13.54 24.56 -33.25
C GLY A 55 14.26 24.09 -32.01
N LYS A 56 13.97 22.87 -31.56
CA LYS A 56 14.60 22.34 -30.35
C LYS A 56 15.73 21.33 -30.59
N GLU A 57 16.65 21.26 -29.62
CA GLU A 57 17.78 20.34 -29.67
C GLU A 57 17.35 18.92 -29.32
N VAL A 58 17.54 18.00 -30.26
CA VAL A 58 17.19 16.60 -30.05
C VAL A 58 18.21 15.68 -30.70
N LEU A 59 18.52 14.58 -30.02
CA LEU A 59 19.44 13.59 -30.54
C LEU A 59 18.66 12.29 -30.65
N GLY A 60 18.51 11.78 -31.87
CA GLY A 60 17.80 10.53 -32.07
C GLY A 60 18.72 9.33 -32.00
N VAL A 61 18.31 8.30 -31.26
CA VAL A 61 19.10 7.09 -31.14
C VAL A 61 18.20 5.89 -31.35
N LYS A 62 18.52 5.09 -32.36
CA LYS A 62 17.75 3.90 -32.65
C LYS A 62 18.38 2.78 -31.82
N ALA A 63 17.62 2.25 -30.86
CA ALA A 63 18.14 1.20 -30.01
C ALA A 63 17.07 0.30 -29.41
N ASP A 64 17.49 -0.88 -28.97
CA ASP A 64 16.61 -1.86 -28.34
C ASP A 64 17.01 -1.81 -26.86
N VAL A 65 16.16 -1.21 -26.03
CA VAL A 65 16.51 -1.07 -24.61
C VAL A 65 16.65 -2.38 -23.85
N SER A 66 16.24 -3.50 -24.44
CA SER A 66 16.38 -4.78 -23.75
C SER A 66 17.80 -5.33 -23.93
N LYS A 67 18.60 -4.65 -24.76
CA LYS A 67 19.98 -5.07 -24.97
C LYS A 67 20.92 -4.16 -24.20
N LYS A 68 21.65 -4.74 -23.25
CA LYS A 68 22.58 -3.97 -22.43
C LYS A 68 23.55 -3.14 -23.27
N LYS A 69 24.09 -3.73 -24.34
CA LYS A 69 25.03 -3.01 -25.18
C LYS A 69 24.43 -1.76 -25.80
N ASP A 70 23.18 -1.86 -26.28
CA ASP A 70 22.50 -0.70 -26.87
C ASP A 70 22.32 0.36 -25.80
N VAL A 71 21.93 -0.05 -24.59
CA VAL A 71 21.72 0.90 -23.52
C VAL A 71 23.01 1.60 -23.12
N GLU A 72 24.05 0.82 -22.86
CA GLU A 72 25.31 1.42 -22.48
C GLU A 72 25.80 2.35 -23.58
N GLU A 73 25.55 2.00 -24.83
CA GLU A 73 25.99 2.86 -25.92
C GLU A 73 25.25 4.20 -25.96
N PHE A 74 23.93 4.21 -25.78
CA PHE A 74 23.28 5.52 -25.83
C PHE A 74 23.58 6.39 -24.62
N VAL A 75 23.94 5.76 -23.51
CA VAL A 75 24.29 6.53 -22.33
C VAL A 75 25.65 7.20 -22.62
N ARG A 76 26.60 6.41 -23.12
CA ARG A 76 27.92 6.96 -23.45
C ARG A 76 27.78 8.07 -24.49
N ARG A 77 26.96 7.84 -25.52
CA ARG A 77 26.77 8.83 -26.58
C ARG A 77 26.16 10.13 -26.06
N THR A 78 25.20 10.00 -25.16
CA THR A 78 24.57 11.17 -24.58
C THR A 78 25.61 11.98 -23.80
N PHE A 79 26.40 11.29 -22.98
CA PHE A 79 27.40 11.97 -22.17
C PHE A 79 28.51 12.62 -23.00
N GLU A 80 28.93 11.91 -24.03
CA GLU A 80 29.98 12.41 -24.91
C GLU A 80 29.51 13.62 -25.71
N THR A 81 28.25 13.60 -26.10
CA THR A 81 27.69 14.69 -26.89
C THR A 81 27.32 15.93 -26.08
N TYR A 82 26.71 15.73 -24.92
CA TYR A 82 26.25 16.84 -24.09
C TYR A 82 26.94 17.07 -22.75
N SER A 83 27.86 16.19 -22.39
CA SER A 83 28.64 16.28 -21.14
C SER A 83 27.88 16.17 -19.83
N ARG A 84 26.61 15.78 -19.89
CA ARG A 84 25.80 15.63 -18.70
C ARG A 84 24.55 14.81 -19.01
N ILE A 85 23.98 14.20 -17.96
CA ILE A 85 22.74 13.45 -18.08
C ILE A 85 21.97 13.87 -16.82
N ASP A 86 20.94 14.67 -16.99
CA ASP A 86 20.18 15.18 -15.85
C ASP A 86 18.93 14.39 -15.49
N VAL A 87 18.27 13.86 -16.51
CA VAL A 87 17.04 13.12 -16.31
C VAL A 87 17.01 11.89 -17.21
N LEU A 88 16.59 10.76 -16.65
CA LEU A 88 16.47 9.52 -17.40
C LEU A 88 15.03 9.05 -17.27
N CYS A 89 14.31 8.99 -18.40
CA CYS A 89 12.93 8.53 -18.38
C CYS A 89 12.87 7.12 -18.97
N ASN A 90 12.83 6.11 -18.10
CA ASN A 90 12.73 4.72 -18.54
C ASN A 90 11.25 4.50 -18.84
N ASN A 91 10.89 4.73 -20.10
CA ASN A 91 9.50 4.66 -20.51
C ASN A 91 9.08 3.56 -21.47
N ALA A 92 9.99 3.11 -22.33
CA ALA A 92 9.67 2.06 -23.28
C ALA A 92 9.12 0.82 -22.60
N GLY A 93 8.13 0.19 -23.24
CA GLY A 93 7.56 -1.01 -22.67
C GLY A 93 6.63 -1.65 -23.68
N ILE A 94 6.33 -2.93 -23.47
CA ILE A 94 5.42 -3.67 -24.34
C ILE A 94 4.44 -4.44 -23.48
N MET A 95 3.30 -4.83 -24.05
CA MET A 95 2.31 -5.61 -23.31
C MET A 95 2.60 -7.10 -23.50
N ASP A 96 1.87 -7.96 -22.78
CA ASP A 96 2.15 -9.38 -22.80
C ASP A 96 1.03 -10.31 -23.22
N GLY A 97 0.07 -9.78 -23.97
CA GLY A 97 -1.05 -10.60 -24.43
C GLY A 97 -2.00 -10.98 -23.30
N VAL A 98 -1.86 -10.32 -22.15
CA VAL A 98 -2.69 -10.59 -20.99
C VAL A 98 -2.58 -12.08 -20.67
N THR A 99 -1.38 -12.62 -20.90
CA THR A 99 -1.11 -14.03 -20.69
C THR A 99 -0.87 -14.43 -19.23
N PRO A 100 -1.76 -15.28 -18.67
CA PRO A 100 -1.64 -15.73 -17.28
C PRO A 100 -0.52 -16.77 -17.14
N VAL A 101 0.04 -16.89 -15.93
CA VAL A 101 1.17 -17.79 -15.68
C VAL A 101 1.25 -19.13 -16.42
N ALA A 102 0.21 -19.94 -16.34
CA ALA A 102 0.24 -21.26 -16.97
C ALA A 102 0.42 -21.24 -18.48
N GLU A 103 0.07 -20.12 -19.12
CA GLU A 103 0.16 -19.99 -20.58
C GLU A 103 1.40 -19.23 -21.08
N VAL A 104 2.28 -18.83 -20.16
CA VAL A 104 3.46 -18.07 -20.51
C VAL A 104 4.64 -18.91 -21.00
N SER A 105 5.12 -18.63 -22.21
CA SER A 105 6.26 -19.35 -22.75
C SER A 105 7.53 -18.76 -22.17
N ASP A 106 8.64 -19.50 -22.23
CA ASP A 106 9.90 -18.96 -21.72
C ASP A 106 10.23 -17.68 -22.50
N GLU A 107 9.94 -17.71 -23.81
CA GLU A 107 10.22 -16.57 -24.68
C GLU A 107 9.49 -15.30 -24.25
N LEU A 108 8.20 -15.43 -23.97
CA LEU A 108 7.38 -14.30 -23.56
C LEU A 108 7.87 -13.73 -22.23
N TRP A 109 8.10 -14.63 -21.29
CA TRP A 109 8.58 -14.24 -19.96
C TRP A 109 9.87 -13.44 -20.06
N GLU A 110 10.84 -13.99 -20.78
CA GLU A 110 12.12 -13.31 -20.92
C GLU A 110 12.02 -11.99 -21.68
N ARG A 111 11.21 -11.96 -22.75
CA ARG A 111 11.07 -10.74 -23.54
C ARG A 111 10.42 -9.58 -22.81
N VAL A 112 9.34 -9.87 -22.08
CA VAL A 112 8.65 -8.81 -21.38
C VAL A 112 9.50 -8.31 -20.21
N LEU A 113 10.15 -9.23 -19.48
CA LEU A 113 10.99 -8.79 -18.36
C LEU A 113 12.17 -7.98 -18.88
N ALA A 114 12.73 -8.37 -20.02
CA ALA A 114 13.89 -7.66 -20.58
C ALA A 114 13.54 -6.24 -21.02
N VAL A 115 12.45 -6.09 -21.76
CA VAL A 115 12.03 -4.78 -22.24
C VAL A 115 11.46 -3.87 -21.15
N ASN A 116 10.63 -4.44 -20.27
CA ASN A 116 9.98 -3.65 -19.24
C ASN A 116 10.72 -3.45 -17.92
N LEU A 117 11.70 -4.31 -17.63
CA LEU A 117 12.43 -4.22 -16.37
C LEU A 117 13.96 -4.14 -16.52
N TYR A 118 14.54 -5.11 -17.22
CA TYR A 118 15.99 -5.11 -17.35
C TYR A 118 16.49 -3.84 -18.02
N SER A 119 15.72 -3.34 -18.98
CA SER A 119 16.06 -2.10 -19.68
C SER A 119 16.34 -0.99 -18.66
N ALA A 120 15.47 -0.88 -17.65
CA ALA A 120 15.60 0.15 -16.62
C ALA A 120 16.78 -0.09 -15.69
N PHE A 121 17.08 -1.35 -15.42
CA PHE A 121 18.23 -1.67 -14.59
C PHE A 121 19.49 -1.29 -15.37
N TYR A 122 19.58 -1.68 -16.65
CA TYR A 122 20.76 -1.34 -17.45
C TYR A 122 21.01 0.16 -17.53
N SER A 123 19.98 0.92 -17.84
CA SER A 123 20.13 2.36 -17.95
C SER A 123 20.45 3.01 -16.61
N SER A 124 19.78 2.59 -15.55
CA SER A 124 20.05 3.18 -14.24
C SER A 124 21.48 2.89 -13.79
N ARG A 125 21.92 1.65 -14.00
CA ARG A 125 23.28 1.29 -13.59
C ARG A 125 24.30 2.14 -14.33
N ALA A 126 24.00 2.43 -15.59
CA ALA A 126 24.93 3.23 -16.40
C ALA A 126 24.89 4.73 -16.11
N VAL A 127 23.72 5.28 -15.80
CA VAL A 127 23.64 6.71 -15.56
C VAL A 127 23.92 7.16 -14.14
N ILE A 128 23.67 6.30 -13.15
CA ILE A 128 23.88 6.67 -11.76
C ILE A 128 25.26 7.27 -11.46
N PRO A 129 26.35 6.65 -11.94
CA PRO A 129 27.69 7.20 -11.67
C PRO A 129 27.81 8.63 -12.17
N ILE A 130 27.22 8.91 -13.33
CA ILE A 130 27.27 10.24 -13.93
C ILE A 130 26.46 11.22 -13.07
N MET A 131 25.32 10.77 -12.57
CA MET A 131 24.50 11.64 -11.72
C MET A 131 25.16 11.86 -10.36
N LEU A 132 25.83 10.83 -9.84
CA LEU A 132 26.53 10.99 -8.57
C LEU A 132 27.65 12.01 -8.74
N LYS A 133 28.34 11.95 -9.87
CA LYS A 133 29.41 12.90 -10.18
C LYS A 133 28.84 14.32 -10.15
N GLN A 134 27.68 14.48 -10.78
CA GLN A 134 27.01 15.77 -10.85
C GLN A 134 26.45 16.20 -9.51
N GLY A 135 26.17 15.22 -8.64
CA GLY A 135 25.59 15.51 -7.34
C GLY A 135 24.10 15.74 -7.51
N LYS A 136 23.57 15.41 -8.69
CA LYS A 136 22.15 15.61 -8.97
C LYS A 136 21.69 14.83 -10.19
N GLY A 137 20.51 14.25 -10.09
CA GLY A 137 19.95 13.51 -11.23
C GLY A 137 18.57 13.00 -10.87
N VAL A 138 17.73 12.77 -11.88
CA VAL A 138 16.39 12.25 -11.61
C VAL A 138 16.10 11.11 -12.57
N ILE A 139 15.59 10.01 -12.04
CA ILE A 139 15.20 8.86 -12.86
C ILE A 139 13.70 8.69 -12.68
N VAL A 140 12.96 8.73 -13.79
CA VAL A 140 11.51 8.56 -13.73
C VAL A 140 11.16 7.32 -14.51
N ASN A 141 10.60 6.34 -13.82
CA ASN A 141 10.23 5.08 -14.46
C ASN A 141 8.74 5.02 -14.73
N THR A 142 8.37 4.70 -15.97
CA THR A 142 6.97 4.56 -16.29
C THR A 142 6.55 3.13 -15.95
N ALA A 143 5.84 2.97 -14.84
CA ALA A 143 5.38 1.67 -14.41
C ALA A 143 3.96 1.45 -14.94
N SER A 144 3.02 1.10 -14.06
CA SER A 144 1.64 0.85 -14.47
C SER A 144 0.88 0.49 -13.21
N ILE A 145 -0.45 0.53 -13.24
CA ILE A 145 -1.17 0.11 -12.05
C ILE A 145 -1.03 -1.42 -11.94
N ALA A 146 -0.48 -2.04 -13.00
CA ALA A 146 -0.23 -3.49 -12.99
C ALA A 146 0.95 -3.75 -12.05
N GLY A 147 1.56 -2.66 -11.57
CA GLY A 147 2.68 -2.78 -10.65
C GLY A 147 2.21 -2.85 -9.21
N ILE A 148 0.91 -2.69 -8.98
CA ILE A 148 0.37 -2.76 -7.63
C ILE A 148 -0.86 -3.64 -7.51
N ARG A 149 -1.42 -4.07 -8.63
CA ARG A 149 -2.61 -4.93 -8.65
C ARG A 149 -2.33 -6.12 -9.57
N GLY A 150 -3.14 -7.16 -9.49
CA GLY A 150 -2.89 -8.34 -10.29
C GLY A 150 -3.69 -8.67 -11.53
N GLY A 151 -4.78 -7.96 -11.78
CA GLY A 151 -5.60 -8.28 -12.95
C GLY A 151 -5.56 -7.34 -14.15
N PHE A 152 -4.61 -6.41 -14.19
CA PHE A 152 -4.57 -5.46 -15.28
C PHE A 152 -3.72 -5.83 -16.48
N ALA A 153 -3.09 -7.00 -16.43
CA ALA A 153 -2.25 -7.45 -17.53
C ALA A 153 -1.91 -8.91 -17.27
N GLY A 154 -1.04 -9.48 -18.11
CA GLY A 154 -0.66 -10.85 -17.92
C GLY A 154 0.36 -10.95 -16.81
N ALA A 155 0.84 -12.16 -16.52
CA ALA A 155 1.83 -12.32 -15.45
C ALA A 155 3.17 -11.65 -15.75
N PRO A 156 3.71 -11.82 -16.97
CA PRO A 156 5.01 -11.18 -17.28
C PRO A 156 5.00 -9.66 -17.04
N TYR A 157 3.98 -8.99 -17.55
CA TYR A 157 3.85 -7.54 -17.42
C TYR A 157 3.67 -7.14 -15.95
N THR A 158 2.80 -7.85 -15.25
CA THR A 158 2.55 -7.56 -13.85
C THR A 158 3.81 -7.73 -13.02
N VAL A 159 4.53 -8.82 -13.27
CA VAL A 159 5.76 -9.07 -12.55
C VAL A 159 6.80 -8.00 -12.87
N ALA A 160 6.94 -7.67 -14.16
CA ALA A 160 7.92 -6.67 -14.56
C ALA A 160 7.63 -5.31 -13.94
N LYS A 161 6.37 -4.90 -13.96
CA LYS A 161 6.01 -3.60 -13.41
C LYS A 161 6.14 -3.55 -11.89
N HIS A 162 5.89 -4.66 -11.20
CA HIS A 162 6.09 -4.69 -9.75
C HIS A 162 7.59 -4.55 -9.52
N GLY A 163 8.37 -5.28 -10.31
CA GLY A 163 9.81 -5.23 -10.19
C GLY A 163 10.36 -3.83 -10.45
N LEU A 164 9.73 -3.13 -11.40
CA LEU A 164 10.17 -1.77 -11.75
C LEU A 164 9.92 -0.79 -10.59
N ILE A 165 8.83 -0.98 -9.87
CA ILE A 165 8.57 -0.13 -8.70
C ILE A 165 9.64 -0.49 -7.65
N GLY A 166 9.98 -1.77 -7.55
CA GLY A 166 11.02 -2.17 -6.60
C GLY A 166 12.36 -1.52 -6.94
N LEU A 167 12.69 -1.49 -8.23
CA LEU A 167 13.94 -0.87 -8.67
C LEU A 167 13.93 0.61 -8.29
N THR A 168 12.77 1.24 -8.48
CA THR A 168 12.60 2.65 -8.14
C THR A 168 12.86 2.91 -6.65
N ARG A 169 12.19 2.14 -5.80
CA ARG A 169 12.37 2.29 -4.36
C ARG A 169 13.81 2.04 -3.93
N SER A 170 14.45 1.06 -4.56
CA SER A 170 15.84 0.72 -4.24
C SER A 170 16.76 1.90 -4.52
N ILE A 171 16.65 2.47 -5.71
CA ILE A 171 17.48 3.60 -6.08
C ILE A 171 17.21 4.80 -5.16
N ALA A 172 15.95 5.07 -4.88
CA ALA A 172 15.60 6.21 -4.02
C ALA A 172 16.20 6.03 -2.63
N ALA A 173 16.17 4.81 -2.12
CA ALA A 173 16.70 4.54 -0.79
C ALA A 173 18.23 4.68 -0.72
N HIS A 174 18.93 4.04 -1.66
CA HIS A 174 20.38 4.05 -1.63
C HIS A 174 21.07 5.32 -2.09
N TYR A 175 20.45 6.03 -3.04
CA TYR A 175 21.10 7.22 -3.58
C TYR A 175 20.42 8.56 -3.30
N GLY A 176 19.34 8.52 -2.52
CA GLY A 176 18.63 9.74 -2.22
C GLY A 176 19.45 10.81 -1.50
N ASP A 177 20.41 10.38 -0.69
CA ASP A 177 21.24 11.34 0.06
C ASP A 177 22.36 11.91 -0.78
N GLN A 178 22.55 11.37 -1.98
CA GLN A 178 23.61 11.80 -2.87
C GLN A 178 23.13 12.65 -4.04
N GLY A 179 21.90 13.13 -3.95
CA GLY A 179 21.36 13.99 -4.98
C GLY A 179 20.53 13.33 -6.06
N ILE A 180 20.29 12.03 -5.94
CA ILE A 180 19.50 11.34 -6.95
C ILE A 180 18.06 11.13 -6.47
N ARG A 181 17.11 11.33 -7.38
CA ARG A 181 15.71 11.06 -7.06
C ARG A 181 15.25 10.04 -8.08
N ALA A 182 14.49 9.05 -7.63
CA ALA A 182 13.97 8.04 -8.54
C ALA A 182 12.49 7.96 -8.18
N VAL A 183 11.63 8.14 -9.17
CA VAL A 183 10.18 8.10 -8.94
C VAL A 183 9.54 7.24 -10.03
N ALA A 184 8.37 6.70 -9.73
CA ALA A 184 7.66 5.87 -10.70
C ALA A 184 6.31 6.51 -10.94
N VAL A 185 5.86 6.46 -12.19
CA VAL A 185 4.54 6.98 -12.52
C VAL A 185 3.74 5.77 -12.97
N LEU A 186 2.55 5.61 -12.41
CA LEU A 186 1.70 4.46 -12.72
C LEU A 186 0.42 4.85 -13.47
N PRO A 187 0.44 4.77 -14.80
CA PRO A 187 -0.75 5.13 -15.58
C PRO A 187 -1.78 3.99 -15.46
N GLY A 188 -3.03 4.31 -15.75
CA GLY A 188 -4.09 3.32 -15.73
C GLY A 188 -4.32 2.84 -17.15
N THR A 189 -5.20 3.53 -17.87
CA THR A 189 -5.50 3.19 -19.26
C THR A 189 -5.23 4.46 -20.06
N VAL A 190 -4.35 4.36 -21.04
CA VAL A 190 -3.97 5.52 -21.84
C VAL A 190 -4.07 5.22 -23.34
N LYS A 191 -4.53 6.21 -24.09
CA LYS A 191 -4.67 6.02 -25.54
C LYS A 191 -3.31 6.06 -26.22
N THR A 192 -2.79 4.88 -26.57
CA THR A 192 -1.49 4.79 -27.23
C THR A 192 -1.50 3.64 -28.24
N ASN A 193 -0.32 3.17 -28.63
CA ASN A 193 -0.23 2.07 -29.58
C ASN A 193 0.13 0.75 -28.91
N ILE A 194 0.21 0.73 -27.58
CA ILE A 194 0.62 -0.50 -26.92
C ILE A 194 -0.38 -1.63 -27.04
N GLY A 195 -1.66 -1.29 -26.98
CA GLY A 195 -2.70 -2.31 -27.09
C GLY A 195 -2.61 -3.41 -26.05
N LEU A 196 -2.91 -4.64 -26.45
CA LEU A 196 -2.86 -5.78 -25.55
C LEU A 196 -1.61 -6.63 -25.71
N GLY A 197 -0.78 -6.28 -26.69
CA GLY A 197 0.46 -7.00 -26.94
C GLY A 197 0.30 -8.25 -27.77
N SER A 198 -0.90 -8.47 -28.28
CA SER A 198 -1.19 -9.65 -29.11
C SER A 198 -2.51 -9.50 -29.83
N SER A 199 -2.63 -10.12 -31.01
CA SER A 199 -3.85 -10.08 -31.79
C SER A 199 -4.78 -11.18 -31.28
N LYS A 200 -4.23 -12.08 -30.48
CA LYS A 200 -5.00 -13.18 -29.89
C LYS A 200 -4.67 -13.30 -28.41
N PRO A 201 -5.06 -12.30 -27.61
CA PRO A 201 -4.80 -12.32 -26.17
C PRO A 201 -5.43 -13.52 -25.48
N SER A 202 -4.86 -13.91 -24.35
CA SER A 202 -5.37 -15.05 -23.59
C SER A 202 -6.84 -14.90 -23.25
N GLU A 203 -7.60 -15.96 -23.51
CA GLU A 203 -9.02 -15.93 -23.20
C GLU A 203 -9.22 -15.77 -21.69
N LEU A 204 -8.46 -16.54 -20.91
CA LEU A 204 -8.58 -16.48 -19.45
C LEU A 204 -8.13 -15.11 -18.94
N GLY A 205 -7.02 -14.61 -19.47
CA GLY A 205 -6.52 -13.31 -19.04
C GLY A 205 -7.49 -12.19 -19.37
N MET A 206 -8.09 -12.26 -20.55
CA MET A 206 -9.05 -11.25 -20.98
C MET A 206 -10.30 -11.24 -20.11
N ARG A 207 -10.69 -12.41 -19.64
CA ARG A 207 -11.87 -12.51 -18.78
C ARG A 207 -11.62 -11.68 -17.52
N THR A 208 -10.39 -11.72 -17.05
CA THR A 208 -9.98 -10.99 -15.86
C THR A 208 -9.93 -9.49 -16.13
N LEU A 209 -9.24 -9.11 -17.20
CA LEU A 209 -9.09 -7.70 -17.54
C LEU A 209 -10.44 -7.03 -17.77
N THR A 210 -11.35 -7.75 -18.44
CA THR A 210 -12.66 -7.21 -18.75
C THR A 210 -13.43 -6.84 -17.49
N LYS A 211 -13.32 -7.68 -16.46
CA LYS A 211 -13.99 -7.42 -15.20
C LYS A 211 -13.48 -6.10 -14.64
N LEU A 212 -12.19 -5.85 -14.78
CA LEU A 212 -11.58 -4.63 -14.27
C LEU A 212 -11.96 -3.38 -15.06
N MET A 213 -12.16 -3.52 -16.36
CA MET A 213 -12.53 -2.36 -17.15
C MET A 213 -13.95 -1.89 -16.83
N SER A 214 -14.70 -2.71 -16.11
CA SER A 214 -16.05 -2.34 -15.72
C SER A 214 -15.95 -1.22 -14.68
N LEU A 215 -14.72 -1.01 -14.19
CA LEU A 215 -14.46 0.04 -13.21
C LEU A 215 -13.93 1.29 -13.90
N SER A 216 -13.48 1.14 -15.14
CA SER A 216 -12.91 2.24 -15.90
C SER A 216 -13.94 3.28 -16.32
N SER A 217 -13.43 4.44 -16.71
CA SER A 217 -14.26 5.54 -17.16
C SER A 217 -13.58 6.19 -18.36
N ARG A 218 -12.86 7.27 -18.10
CA ARG A 218 -12.16 8.00 -19.13
C ARG A 218 -10.85 7.34 -19.51
N LEU A 219 -10.40 7.65 -20.72
CA LEU A 219 -9.15 7.14 -21.24
C LEU A 219 -8.20 8.34 -21.26
N ALA A 220 -7.05 8.21 -20.61
CA ALA A 220 -6.10 9.30 -20.58
C ALA A 220 -5.42 9.51 -21.92
N GLU A 221 -5.01 10.75 -22.18
CA GLU A 221 -4.26 11.06 -23.40
C GLU A 221 -2.80 10.91 -22.96
N PRO A 222 -1.89 10.61 -23.88
CA PRO A 222 -0.47 10.48 -23.51
C PRO A 222 0.04 11.71 -22.77
N GLU A 223 -0.44 12.88 -23.20
CA GLU A 223 -0.01 14.14 -22.58
C GLU A 223 -0.33 14.18 -21.10
N ASP A 224 -1.42 13.54 -20.70
CA ASP A 224 -1.81 13.55 -19.29
C ASP A 224 -0.78 12.83 -18.44
N ILE A 225 -0.08 11.85 -19.02
CA ILE A 225 0.95 11.14 -18.26
C ILE A 225 2.24 11.94 -18.34
N ALA A 226 2.57 12.39 -19.54
CA ALA A 226 3.77 13.17 -19.76
C ALA A 226 3.81 14.40 -18.83
N ASN A 227 2.66 15.03 -18.59
CA ASN A 227 2.64 16.21 -17.73
C ASN A 227 3.16 15.92 -16.33
N VAL A 228 2.80 14.75 -15.79
CA VAL A 228 3.23 14.37 -14.46
C VAL A 228 4.72 14.00 -14.47
N ILE A 229 5.15 13.26 -15.48
CA ILE A 229 6.55 12.87 -15.60
C ILE A 229 7.47 14.10 -15.64
N VAL A 230 7.12 15.09 -16.46
CA VAL A 230 7.95 16.28 -16.57
C VAL A 230 7.97 17.07 -15.27
N PHE A 231 6.82 17.19 -14.63
CA PHE A 231 6.78 17.90 -13.34
C PHE A 231 7.72 17.20 -12.34
N LEU A 232 7.63 15.87 -12.27
CA LEU A 232 8.46 15.13 -11.32
C LEU A 232 9.96 15.27 -11.59
N ALA A 233 10.31 15.55 -12.84
CA ALA A 233 11.70 15.71 -13.23
C ALA A 233 12.23 17.10 -12.88
N SER A 234 11.33 18.05 -12.64
CA SER A 234 11.72 19.42 -12.33
C SER A 234 12.04 19.62 -10.85
N ASP A 235 12.67 20.75 -10.55
CA ASP A 235 13.03 21.06 -9.17
C ASP A 235 11.80 21.32 -8.30
N GLU A 236 10.63 21.48 -8.94
CA GLU A 236 9.40 21.72 -8.18
C GLU A 236 9.10 20.48 -7.36
N ALA A 237 9.61 19.35 -7.80
CA ALA A 237 9.38 18.08 -7.12
C ALA A 237 10.64 17.59 -6.39
N SER A 238 11.46 18.53 -5.91
CA SER A 238 12.70 18.16 -5.23
C SER A 238 12.52 17.25 -4.03
N PHE A 239 11.34 17.25 -3.41
CA PHE A 239 11.14 16.36 -2.29
C PHE A 239 10.28 15.14 -2.56
N VAL A 240 10.07 14.83 -3.84
CA VAL A 240 9.34 13.63 -4.19
C VAL A 240 10.43 12.66 -4.58
N ASN A 241 10.63 11.62 -3.77
CA ASN A 241 11.65 10.65 -4.05
C ASN A 241 11.20 9.27 -3.59
N GLY A 242 11.15 8.33 -4.52
CA GLY A 242 10.75 6.97 -4.17
C GLY A 242 9.26 6.65 -4.27
N ASP A 243 8.42 7.66 -4.46
CA ASP A 243 6.99 7.40 -4.54
C ASP A 243 6.59 6.78 -5.86
N ALA A 244 5.49 6.05 -5.84
CA ALA A 244 4.90 5.42 -7.03
C ALA A 244 3.65 6.28 -7.20
N VAL A 245 3.75 7.31 -8.05
CA VAL A 245 2.63 8.24 -8.26
C VAL A 245 1.59 7.66 -9.23
N VAL A 246 0.35 7.56 -8.78
CA VAL A 246 -0.71 6.98 -9.60
C VAL A 246 -1.41 8.04 -10.43
N VAL A 247 -1.46 7.81 -11.74
CA VAL A 247 -2.06 8.75 -12.68
C VAL A 247 -3.07 7.94 -13.47
N ASP A 248 -4.16 7.53 -12.81
CA ASP A 248 -5.16 6.69 -13.46
C ASP A 248 -6.60 7.20 -13.43
N GLY A 249 -6.76 8.49 -13.14
CA GLY A 249 -8.09 9.08 -13.11
C GLY A 249 -8.94 8.58 -11.95
N GLY A 250 -8.35 7.76 -11.09
CA GLY A 250 -9.08 7.23 -9.95
C GLY A 250 -9.45 5.76 -10.06
N LEU A 251 -9.09 5.12 -11.18
CA LEU A 251 -9.44 3.71 -11.38
C LEU A 251 -9.11 2.78 -10.22
N THR A 252 -7.90 2.86 -9.67
CA THR A 252 -7.52 1.98 -8.58
C THR A 252 -7.97 2.42 -7.18
N VAL A 253 -8.63 3.56 -7.07
CA VAL A 253 -9.10 4.01 -5.76
C VAL A 253 -10.50 3.47 -5.47
N LEU A 254 -11.16 2.93 -6.48
CA LEU A 254 -12.49 2.37 -6.28
C LEU A 254 -12.35 1.12 -5.41
N SER B 1 -3.87 -29.31 15.48
CA SER B 1 -3.42 -29.38 14.05
C SER B 1 -4.55 -28.94 13.12
N TYR B 2 -4.20 -28.71 11.86
CA TYR B 2 -5.19 -28.31 10.86
C TYR B 2 -5.62 -29.59 10.14
N GLN B 3 -6.83 -30.06 10.44
CA GLN B 3 -7.35 -31.28 9.83
C GLN B 3 -7.31 -31.25 8.30
N SER B 4 -7.53 -30.08 7.72
CA SER B 4 -7.52 -29.94 6.26
C SER B 4 -6.16 -30.21 5.61
N LEU B 5 -5.10 -30.26 6.41
CA LEU B 5 -3.78 -30.53 5.85
C LEU B 5 -3.37 -32.01 5.89
N LYS B 6 -4.15 -32.82 6.58
CA LYS B 6 -3.83 -34.24 6.66
C LYS B 6 -3.80 -34.86 5.25
N ASN B 7 -2.71 -35.54 4.94
CA ASN B 7 -2.51 -36.21 3.65
C ASN B 7 -2.46 -35.33 2.42
N LYS B 8 -2.32 -34.02 2.61
CA LYS B 8 -2.21 -33.11 1.47
C LYS B 8 -0.75 -33.20 1.06
N VAL B 9 -0.50 -33.14 -0.25
CA VAL B 9 0.84 -33.21 -0.80
C VAL B 9 1.38 -31.78 -0.90
N VAL B 10 2.46 -31.54 -0.19
CA VAL B 10 3.08 -30.21 -0.09
C VAL B 10 4.53 -30.18 -0.55
N ILE B 11 4.85 -29.33 -1.53
CA ILE B 11 6.23 -29.18 -1.98
C ILE B 11 6.82 -27.99 -1.25
N VAL B 12 7.96 -28.19 -0.60
CA VAL B 12 8.62 -27.11 0.13
C VAL B 12 10.03 -26.95 -0.44
N THR B 13 10.34 -25.79 -1.02
CA THR B 13 11.69 -25.60 -1.57
C THR B 13 12.57 -24.91 -0.52
N GLY B 14 13.87 -25.18 -0.59
CA GLY B 14 14.81 -24.61 0.38
C GLY B 14 14.53 -25.27 1.74
N ALA B 15 14.10 -26.52 1.68
CA ALA B 15 13.72 -27.28 2.89
C ALA B 15 14.85 -27.67 3.83
N GLY B 16 16.10 -27.54 3.41
CA GLY B 16 17.19 -27.95 4.29
C GLY B 16 17.70 -26.99 5.36
N SER B 17 17.14 -25.78 5.43
CA SER B 17 17.61 -24.80 6.41
C SER B 17 16.56 -23.74 6.71
N GLY B 18 16.78 -23.01 7.80
CA GLY B 18 15.92 -21.90 8.19
C GLY B 18 14.42 -22.07 8.07
N ILE B 19 13.78 -21.09 7.43
CA ILE B 19 12.34 -21.10 7.27
C ILE B 19 11.82 -22.35 6.54
N GLY B 20 12.52 -22.76 5.47
CA GLY B 20 12.10 -23.94 4.75
C GLY B 20 12.09 -25.18 5.62
N ARG B 21 13.12 -25.35 6.44
CA ARG B 21 13.18 -26.51 7.34
C ARG B 21 12.03 -26.45 8.34
N ALA B 22 11.73 -25.26 8.83
CA ALA B 22 10.64 -25.09 9.78
C ALA B 22 9.29 -25.37 9.12
N ILE B 23 9.16 -24.99 7.85
CA ILE B 23 7.91 -25.22 7.11
C ILE B 23 7.70 -26.72 6.93
N ALA B 24 8.76 -27.43 6.54
CA ALA B 24 8.67 -28.86 6.33
C ALA B 24 8.25 -29.57 7.59
N LYS B 25 8.88 -29.22 8.72
CA LYS B 25 8.53 -29.87 9.98
C LYS B 25 7.10 -29.56 10.39
N LYS B 26 6.69 -28.31 10.21
CA LYS B 26 5.33 -27.91 10.61
C LYS B 26 4.27 -28.64 9.79
N PHE B 27 4.50 -28.76 8.49
CA PHE B 27 3.54 -29.49 7.67
C PHE B 27 3.53 -30.96 8.07
N ALA B 28 4.70 -31.51 8.36
CA ALA B 28 4.77 -32.90 8.78
C ALA B 28 4.00 -33.07 10.09
N LEU B 29 4.15 -32.11 10.99
CA LEU B 29 3.45 -32.15 12.28
C LEU B 29 1.95 -32.16 12.06
N ASN B 30 1.52 -31.71 10.88
CA ASN B 30 0.11 -31.69 10.54
C ASN B 30 -0.29 -32.84 9.64
N ASP B 31 0.58 -33.85 9.57
CA ASP B 31 0.33 -35.07 8.80
C ASP B 31 0.20 -34.89 7.30
N SER B 32 0.82 -33.84 6.76
CA SER B 32 0.82 -33.64 5.32
C SER B 32 1.94 -34.53 4.80
N ILE B 33 1.95 -34.72 3.48
CA ILE B 33 2.97 -35.50 2.81
C ILE B 33 3.89 -34.42 2.28
N VAL B 34 5.16 -34.45 2.68
CA VAL B 34 6.08 -33.41 2.28
C VAL B 34 7.13 -33.81 1.25
N VAL B 35 7.26 -32.98 0.23
CA VAL B 35 8.28 -33.19 -0.79
C VAL B 35 9.27 -32.07 -0.48
N ALA B 36 10.40 -32.45 0.10
CA ALA B 36 11.44 -31.51 0.48
C ALA B 36 12.41 -31.31 -0.66
N VAL B 37 12.46 -30.08 -1.19
CA VAL B 37 13.34 -29.75 -2.31
C VAL B 37 14.46 -28.90 -1.77
N GLU B 38 15.70 -29.34 -1.99
CA GLU B 38 16.86 -28.63 -1.46
C GLU B 38 18.06 -28.78 -2.39
N LEU B 39 18.85 -27.72 -2.49
CA LEU B 39 20.04 -27.71 -3.34
C LEU B 39 21.18 -28.54 -2.76
N LEU B 40 21.40 -28.43 -1.46
CA LEU B 40 22.49 -29.12 -0.78
C LEU B 40 22.19 -30.54 -0.28
N GLU B 41 23.01 -31.47 -0.76
CA GLU B 41 22.90 -32.89 -0.44
C GLU B 41 22.77 -33.22 1.04
N ASP B 42 23.75 -32.82 1.84
CA ASP B 42 23.70 -33.14 3.26
C ASP B 42 22.52 -32.52 4.00
N ARG B 43 22.17 -31.28 3.65
CA ARG B 43 21.03 -30.61 4.30
C ARG B 43 19.74 -31.36 3.98
N LEU B 44 19.62 -31.79 2.73
CA LEU B 44 18.44 -32.51 2.29
C LEU B 44 18.30 -33.83 3.06
N ASN B 45 19.39 -34.58 3.15
CA ASN B 45 19.33 -35.86 3.87
C ASN B 45 18.95 -35.65 5.32
N GLN B 46 19.44 -34.57 5.91
CA GLN B 46 19.12 -34.29 7.31
C GLN B 46 17.64 -34.01 7.54
N ILE B 47 17.03 -33.18 6.69
CA ILE B 47 15.62 -32.88 6.90
C ILE B 47 14.75 -34.09 6.55
N VAL B 48 15.17 -34.87 5.56
CA VAL B 48 14.41 -36.05 5.19
C VAL B 48 14.43 -37.04 6.37
N GLN B 49 15.59 -37.27 6.96
CA GLN B 49 15.70 -38.20 8.07
C GLN B 49 14.91 -37.72 9.30
N GLU B 50 14.83 -36.41 9.48
CA GLU B 50 14.06 -35.86 10.59
C GLU B 50 12.58 -36.17 10.41
N LEU B 51 12.05 -35.88 9.22
CA LEU B 51 10.64 -36.15 8.96
C LEU B 51 10.36 -37.66 9.06
N ARG B 52 11.32 -38.49 8.66
CA ARG B 52 11.12 -39.93 8.77
C ARG B 52 11.03 -40.30 10.24
N GLY B 53 11.84 -39.62 11.05
CA GLY B 53 11.84 -39.88 12.48
C GLY B 53 10.51 -39.51 13.09
N MET B 54 9.84 -38.51 12.51
CA MET B 54 8.52 -38.08 12.98
C MET B 54 7.43 -39.06 12.55
N GLY B 55 7.80 -40.06 11.75
CA GLY B 55 6.86 -41.05 11.28
C GLY B 55 5.94 -40.53 10.18
N LYS B 56 6.42 -39.55 9.43
CA LYS B 56 5.63 -38.96 8.35
C LYS B 56 6.16 -39.37 6.97
N GLU B 57 5.32 -39.25 5.96
CA GLU B 57 5.67 -39.58 4.59
C GLU B 57 6.43 -38.38 4.03
N VAL B 58 7.64 -38.63 3.54
CA VAL B 58 8.46 -37.55 2.99
C VAL B 58 9.28 -38.02 1.80
N LEU B 59 9.39 -37.17 0.79
CA LEU B 59 10.18 -37.48 -0.39
C LEU B 59 11.19 -36.37 -0.57
N GLY B 60 12.46 -36.74 -0.62
CA GLY B 60 13.50 -35.75 -0.79
C GLY B 60 13.92 -35.60 -2.24
N VAL B 61 14.09 -34.37 -2.68
CA VAL B 61 14.51 -34.11 -4.05
C VAL B 61 15.66 -33.09 -4.04
N LYS B 62 16.80 -33.48 -4.60
CA LYS B 62 17.93 -32.57 -4.67
C LYS B 62 17.78 -31.83 -5.98
N ALA B 63 17.62 -30.51 -5.91
CA ALA B 63 17.43 -29.72 -7.11
C ALA B 63 17.80 -28.25 -6.93
N ASP B 64 18.07 -27.59 -8.04
CA ASP B 64 18.42 -26.17 -8.04
C ASP B 64 17.17 -25.51 -8.62
N VAL B 65 16.42 -24.78 -7.79
CA VAL B 65 15.18 -24.18 -8.28
C VAL B 65 15.34 -23.09 -9.31
N SER B 66 16.58 -22.65 -9.55
CA SER B 66 16.82 -21.63 -10.56
C SER B 66 16.85 -22.26 -11.96
N LYS B 67 16.85 -23.59 -11.99
CA LYS B 67 16.90 -24.32 -13.26
C LYS B 67 15.54 -24.88 -13.64
N LYS B 68 14.97 -24.38 -14.74
CA LYS B 68 13.67 -24.83 -15.18
C LYS B 68 13.54 -26.36 -15.24
N LYS B 69 14.56 -27.02 -15.78
CA LYS B 69 14.53 -28.48 -15.89
C LYS B 69 14.42 -29.17 -14.54
N ASP B 70 15.14 -28.68 -13.54
CA ASP B 70 15.08 -29.28 -12.21
C ASP B 70 13.68 -29.12 -11.63
N VAL B 71 13.11 -27.92 -11.79
CA VAL B 71 11.77 -27.64 -11.28
C VAL B 71 10.72 -28.52 -11.95
N GLU B 72 10.73 -28.57 -13.28
CA GLU B 72 9.74 -29.38 -13.98
C GLU B 72 9.88 -30.84 -13.57
N GLU B 73 11.11 -31.28 -13.31
CA GLU B 73 11.32 -32.67 -12.93
C GLU B 73 10.74 -32.96 -11.55
N PHE B 74 10.96 -32.09 -10.56
CA PHE B 74 10.41 -32.42 -9.25
C PHE B 74 8.90 -32.27 -9.20
N VAL B 75 8.32 -31.47 -10.11
CA VAL B 75 6.88 -31.36 -10.14
C VAL B 75 6.35 -32.67 -10.75
N ARG B 76 6.96 -33.11 -11.84
CA ARG B 76 6.54 -34.36 -12.47
C ARG B 76 6.68 -35.52 -11.50
N ARG B 77 7.82 -35.59 -10.82
CA ARG B 77 8.08 -36.67 -9.88
C ARG B 77 7.07 -36.67 -8.73
N THR B 78 6.68 -35.49 -8.26
CA THR B 78 5.71 -35.41 -7.16
C THR B 78 4.37 -35.96 -7.64
N PHE B 79 3.94 -35.56 -8.82
CA PHE B 79 2.67 -36.00 -9.35
C PHE B 79 2.66 -37.50 -9.64
N GLU B 80 3.77 -37.99 -10.18
CA GLU B 80 3.84 -39.41 -10.49
C GLU B 80 3.84 -40.27 -9.24
N THR B 81 4.43 -39.75 -8.17
CA THR B 81 4.52 -40.47 -6.90
C THR B 81 3.25 -40.40 -6.07
N TYR B 82 2.66 -39.21 -5.98
CA TYR B 82 1.45 -39.02 -5.15
C TYR B 82 0.13 -38.73 -5.85
N SER B 83 0.16 -38.54 -7.17
CA SER B 83 -1.03 -38.28 -7.99
C SER B 83 -1.75 -36.95 -7.77
N ARG B 84 -1.11 -36.06 -7.02
CA ARG B 84 -1.72 -34.76 -6.73
C ARG B 84 -0.66 -33.82 -6.15
N ILE B 85 -0.94 -32.53 -6.21
CA ILE B 85 -0.07 -31.52 -5.63
C ILE B 85 -1.04 -30.51 -5.06
N ASP B 86 -1.11 -30.44 -3.73
CA ASP B 86 -2.06 -29.56 -3.05
C ASP B 86 -1.54 -28.21 -2.63
N VAL B 87 -0.27 -28.17 -2.25
CA VAL B 87 0.36 -26.94 -1.80
C VAL B 87 1.77 -26.83 -2.34
N LEU B 88 2.13 -25.64 -2.80
CA LEU B 88 3.48 -25.37 -3.30
C LEU B 88 4.01 -24.19 -2.49
N CYS B 89 5.11 -24.41 -1.78
CA CYS B 89 5.72 -23.34 -1.00
C CYS B 89 7.01 -22.91 -1.69
N ASN B 90 6.97 -21.79 -2.39
CA ASN B 90 8.15 -21.29 -3.07
C ASN B 90 8.92 -20.49 -2.02
N ASN B 91 9.85 -21.18 -1.38
CA ASN B 91 10.58 -20.58 -0.28
C ASN B 91 12.09 -20.37 -0.46
N ALA B 92 12.74 -21.21 -1.25
CA ALA B 92 14.18 -21.04 -1.44
C ALA B 92 14.53 -19.62 -1.90
N GLY B 93 15.65 -19.10 -1.42
CA GLY B 93 16.08 -17.78 -1.82
C GLY B 93 17.48 -17.48 -1.31
N ILE B 94 18.12 -16.48 -1.89
CA ILE B 94 19.47 -16.09 -1.48
C ILE B 94 19.52 -14.57 -1.39
N MET B 95 20.49 -14.04 -0.64
CA MET B 95 20.64 -12.60 -0.52
C MET B 95 21.58 -12.07 -1.59
N ASP B 96 21.69 -10.75 -1.68
CA ASP B 96 22.46 -10.13 -2.76
C ASP B 96 23.62 -9.23 -2.37
N GLY B 97 24.13 -9.40 -1.15
CA GLY B 97 25.25 -8.57 -0.72
C GLY B 97 24.85 -7.15 -0.39
N VAL B 98 23.54 -6.89 -0.37
CA VAL B 98 23.00 -5.56 -0.11
C VAL B 98 23.59 -4.63 -1.18
N THR B 99 23.74 -5.16 -2.38
CA THR B 99 24.35 -4.43 -3.47
C THR B 99 23.44 -3.41 -4.17
N PRO B 100 23.78 -2.12 -4.12
CA PRO B 100 22.96 -1.07 -4.77
C PRO B 100 23.17 -1.12 -6.28
N VAL B 101 22.19 -0.64 -7.03
CA VAL B 101 22.23 -0.70 -8.49
C VAL B 101 23.55 -0.48 -9.22
N ALA B 102 24.24 0.63 -8.97
CA ALA B 102 25.46 0.92 -9.69
C ALA B 102 26.57 -0.10 -9.46
N GLU B 103 26.46 -0.89 -8.40
CA GLU B 103 27.45 -1.89 -8.04
C GLU B 103 27.11 -3.31 -8.44
N VAL B 104 25.94 -3.49 -9.05
CA VAL B 104 25.47 -4.80 -9.45
C VAL B 104 26.02 -5.32 -10.77
N SER B 105 26.63 -6.51 -10.74
CA SER B 105 27.17 -7.11 -11.96
C SER B 105 26.05 -7.86 -12.66
N ASP B 106 26.23 -8.16 -13.94
CA ASP B 106 25.21 -8.90 -14.67
C ASP B 106 25.02 -10.26 -13.96
N GLU B 107 26.12 -10.85 -13.52
CA GLU B 107 26.06 -12.14 -12.86
C GLU B 107 25.19 -12.14 -11.61
N LEU B 108 25.33 -11.12 -10.77
CA LEU B 108 24.57 -11.02 -9.53
C LEU B 108 23.09 -10.79 -9.82
N TRP B 109 22.82 -9.85 -10.72
CA TRP B 109 21.46 -9.53 -11.11
C TRP B 109 20.74 -10.80 -11.58
N GLU B 110 21.37 -11.50 -12.52
CA GLU B 110 20.79 -12.71 -13.08
C GLU B 110 20.60 -13.84 -12.08
N ARG B 111 21.59 -14.05 -11.22
CA ARG B 111 21.50 -15.12 -10.24
C ARG B 111 20.43 -14.90 -9.17
N VAL B 112 20.35 -13.68 -8.64
CA VAL B 112 19.35 -13.40 -7.62
C VAL B 112 17.95 -13.47 -8.22
N LEU B 113 17.76 -12.91 -9.41
CA LEU B 113 16.44 -12.98 -10.02
C LEU B 113 16.07 -14.42 -10.33
N ALA B 114 17.05 -15.21 -10.77
CA ALA B 114 16.79 -16.60 -11.11
C ALA B 114 16.36 -17.42 -9.90
N VAL B 115 17.12 -17.34 -8.82
CA VAL B 115 16.80 -18.10 -7.61
C VAL B 115 15.59 -17.59 -6.84
N ASN B 116 15.44 -16.27 -6.74
CA ASN B 116 14.33 -15.69 -5.97
C ASN B 116 13.03 -15.43 -6.70
N LEU B 117 13.08 -15.34 -8.02
CA LEU B 117 11.87 -15.06 -8.80
C LEU B 117 11.57 -16.07 -9.92
N TYR B 118 12.52 -16.31 -10.81
CA TYR B 118 12.28 -17.27 -11.92
C TYR B 118 11.86 -18.63 -11.35
N SER B 119 12.49 -19.03 -10.26
CA SER B 119 12.18 -20.31 -9.61
C SER B 119 10.68 -20.46 -9.33
N ALA B 120 10.07 -19.41 -8.79
CA ALA B 120 8.65 -19.43 -8.47
C ALA B 120 7.78 -19.38 -9.72
N PHE B 121 8.27 -18.74 -10.78
CA PHE B 121 7.52 -18.68 -12.03
C PHE B 121 7.53 -20.09 -12.63
N TYR B 122 8.70 -20.74 -12.64
CA TYR B 122 8.81 -22.09 -13.20
C TYR B 122 7.89 -23.08 -12.47
N SER B 123 7.97 -23.08 -11.15
CA SER B 123 7.16 -24.01 -10.36
C SER B 123 5.67 -23.74 -10.48
N SER B 124 5.26 -22.47 -10.38
CA SER B 124 3.85 -22.11 -10.49
C SER B 124 3.30 -22.49 -11.88
N ARG B 125 4.07 -22.22 -12.92
CA ARG B 125 3.64 -22.56 -14.29
C ARG B 125 3.43 -24.08 -14.43
N ALA B 126 4.29 -24.85 -13.78
CA ALA B 126 4.18 -26.31 -13.84
C ALA B 126 3.09 -26.90 -12.95
N VAL B 127 2.86 -26.30 -11.79
CA VAL B 127 1.87 -26.86 -10.87
C VAL B 127 0.46 -26.38 -11.08
N ILE B 128 0.29 -25.18 -11.64
CA ILE B 128 -1.06 -24.66 -11.83
C ILE B 128 -1.98 -25.60 -12.62
N PRO B 129 -1.50 -26.17 -13.74
CA PRO B 129 -2.38 -27.08 -14.51
C PRO B 129 -2.88 -28.25 -13.65
N ILE B 130 -2.02 -28.79 -12.80
CA ILE B 130 -2.36 -29.90 -11.92
C ILE B 130 -3.40 -29.46 -10.88
N MET B 131 -3.20 -28.28 -10.30
CA MET B 131 -4.13 -27.76 -9.31
C MET B 131 -5.48 -27.42 -9.93
N LEU B 132 -5.46 -26.89 -11.15
CA LEU B 132 -6.72 -26.55 -11.83
C LEU B 132 -7.53 -27.83 -12.10
N LYS B 133 -6.84 -28.91 -12.46
CA LYS B 133 -7.54 -30.16 -12.73
C LYS B 133 -8.15 -30.69 -11.43
N GLN B 134 -7.51 -30.37 -10.31
CA GLN B 134 -8.01 -30.79 -9.00
C GLN B 134 -9.16 -29.87 -8.58
N GLY B 135 -9.12 -28.63 -9.05
CA GLY B 135 -10.13 -27.65 -8.70
C GLY B 135 -9.73 -27.00 -7.39
N LYS B 136 -8.50 -27.25 -6.96
CA LYS B 136 -8.03 -26.68 -5.70
C LYS B 136 -6.52 -26.79 -5.54
N GLY B 137 -5.92 -25.70 -5.06
CA GLY B 137 -4.49 -25.70 -4.82
C GLY B 137 -4.11 -24.39 -4.14
N VAL B 138 -2.99 -24.40 -3.44
CA VAL B 138 -2.53 -23.19 -2.76
C VAL B 138 -1.05 -23.01 -3.03
N ILE B 139 -0.67 -21.79 -3.37
CA ILE B 139 0.73 -21.47 -3.62
C ILE B 139 1.11 -20.37 -2.62
N VAL B 140 2.11 -20.66 -1.79
CA VAL B 140 2.56 -19.69 -0.80
C VAL B 140 3.99 -19.30 -1.16
N ASN B 141 4.18 -18.02 -1.41
CA ASN B 141 5.50 -17.53 -1.78
C ASN B 141 6.15 -16.80 -0.63
N THR B 142 7.39 -17.18 -0.30
CA THR B 142 8.09 -16.48 0.76
C THR B 142 8.77 -15.28 0.15
N ALA B 143 8.20 -14.10 0.39
CA ALA B 143 8.79 -12.88 -0.12
C ALA B 143 9.68 -12.25 0.94
N SER B 144 9.42 -11.00 1.27
CA SER B 144 10.22 -10.27 2.25
C SER B 144 9.68 -8.86 2.34
N ILE B 145 10.02 -8.15 3.41
CA ILE B 145 9.59 -6.76 3.50
C ILE B 145 10.37 -5.98 2.43
N ALA B 146 11.44 -6.58 1.90
CA ALA B 146 12.19 -5.92 0.83
C ALA B 146 11.32 -5.90 -0.42
N GLY B 147 10.16 -6.55 -0.35
CA GLY B 147 9.23 -6.59 -1.46
C GLY B 147 8.27 -5.40 -1.45
N ILE B 148 8.33 -4.59 -0.39
CA ILE B 148 7.46 -3.42 -0.27
C ILE B 148 8.20 -2.15 0.16
N ARG B 149 9.50 -2.27 0.46
CA ARG B 149 10.30 -1.12 0.88
C ARG B 149 11.62 -1.17 0.10
N GLY B 150 12.38 -0.07 0.08
CA GLY B 150 13.60 -0.07 -0.70
C GLY B 150 14.97 -0.17 -0.05
N GLY B 151 15.06 -0.12 1.27
CA GLY B 151 16.38 -0.18 1.90
C GLY B 151 16.75 -1.41 2.71
N PHE B 152 15.94 -2.46 2.64
CA PHE B 152 16.20 -3.66 3.41
C PHE B 152 17.09 -4.70 2.75
N ALA B 153 17.55 -4.41 1.54
CA ALA B 153 18.43 -5.31 0.82
C ALA B 153 18.99 -4.58 -0.39
N GLY B 154 19.77 -5.29 -1.20
CA GLY B 154 20.32 -4.67 -2.39
C GLY B 154 19.24 -4.57 -3.47
N ALA B 155 19.60 -4.04 -4.64
CA ALA B 155 18.64 -3.89 -5.71
C ALA B 155 18.12 -5.21 -6.28
N PRO B 156 19.01 -6.19 -6.53
CA PRO B 156 18.53 -7.46 -7.08
C PRO B 156 17.49 -8.15 -6.21
N TYR B 157 17.75 -8.21 -4.91
CA TYR B 157 16.83 -8.86 -3.97
C TYR B 157 15.53 -8.07 -3.86
N THR B 158 15.65 -6.75 -3.75
CA THR B 158 14.47 -5.90 -3.65
C THR B 158 13.61 -6.03 -4.90
N VAL B 159 14.24 -6.01 -6.08
CA VAL B 159 13.49 -6.14 -7.31
C VAL B 159 12.84 -7.53 -7.41
N ALA B 160 13.61 -8.58 -7.11
CA ALA B 160 13.06 -9.93 -7.19
C ALA B 160 11.89 -10.15 -6.23
N LYS B 161 11.98 -9.60 -5.02
CA LYS B 161 10.91 -9.78 -4.05
C LYS B 161 9.68 -8.95 -4.41
N HIS B 162 9.87 -7.78 -5.03
CA HIS B 162 8.72 -7.00 -5.48
C HIS B 162 8.08 -7.82 -6.59
N GLY B 163 8.91 -8.35 -7.47
CA GLY B 163 8.39 -9.15 -8.57
C GLY B 163 7.67 -10.39 -8.10
N LEU B 164 8.14 -10.99 -7.01
CA LEU B 164 7.52 -12.19 -6.46
C LEU B 164 6.12 -11.85 -5.93
N ILE B 165 5.95 -10.68 -5.34
CA ILE B 165 4.63 -10.28 -4.86
C ILE B 165 3.75 -10.07 -6.11
N GLY B 166 4.33 -9.52 -7.17
CA GLY B 166 3.58 -9.31 -8.39
C GLY B 166 3.09 -10.64 -8.95
N LEU B 167 3.95 -11.66 -8.93
CA LEU B 167 3.57 -12.98 -9.44
C LEU B 167 2.43 -13.54 -8.60
N THR B 168 2.51 -13.32 -7.29
CA THR B 168 1.49 -13.78 -6.36
C THR B 168 0.13 -13.15 -6.68
N ARG B 169 0.11 -11.82 -6.85
CA ARG B 169 -1.13 -11.12 -7.16
C ARG B 169 -1.69 -11.55 -8.52
N SER B 170 -0.80 -11.82 -9.46
CA SER B 170 -1.20 -12.25 -10.80
C SER B 170 -1.91 -13.60 -10.75
N ILE B 171 -1.33 -14.55 -10.03
CA ILE B 171 -1.92 -15.88 -9.92
C ILE B 171 -3.26 -15.81 -9.20
N ALA B 172 -3.31 -15.05 -8.11
CA ALA B 172 -4.54 -14.94 -7.36
C ALA B 172 -5.66 -14.31 -8.20
N ALA B 173 -5.32 -13.31 -9.00
CA ALA B 173 -6.30 -12.61 -9.81
C ALA B 173 -6.86 -13.47 -10.93
N HIS B 174 -5.97 -14.16 -11.64
CA HIS B 174 -6.38 -14.97 -12.78
C HIS B 174 -6.96 -16.33 -12.48
N TYR B 175 -6.53 -16.94 -11.39
CA TYR B 175 -6.97 -18.30 -11.08
C TYR B 175 -7.80 -18.47 -9.81
N GLY B 176 -8.03 -17.38 -9.10
CA GLY B 176 -8.80 -17.47 -7.86
C GLY B 176 -10.17 -18.09 -8.03
N ASP B 177 -10.86 -17.81 -9.13
CA ASP B 177 -12.19 -18.35 -9.38
C ASP B 177 -12.16 -19.81 -9.79
N GLN B 178 -10.97 -20.34 -10.02
CA GLN B 178 -10.83 -21.74 -10.43
C GLN B 178 -10.27 -22.63 -9.31
N GLY B 179 -10.33 -22.14 -8.08
CA GLY B 179 -9.87 -22.93 -6.95
C GLY B 179 -8.44 -22.77 -6.49
N ILE B 180 -7.70 -21.85 -7.08
CA ILE B 180 -6.32 -21.66 -6.66
C ILE B 180 -6.14 -20.43 -5.82
N ARG B 181 -5.39 -20.56 -4.72
CA ARG B 181 -5.11 -19.41 -3.88
C ARG B 181 -3.60 -19.21 -3.94
N ALA B 182 -3.19 -17.95 -4.03
CA ALA B 182 -1.76 -17.62 -4.05
C ALA B 182 -1.60 -16.51 -3.02
N VAL B 183 -0.71 -16.72 -2.06
CA VAL B 183 -0.47 -15.71 -1.03
C VAL B 183 1.02 -15.54 -0.82
N ALA B 184 1.42 -14.39 -0.32
CA ALA B 184 2.83 -14.11 -0.07
C ALA B 184 3.00 -13.81 1.41
N VAL B 185 4.10 -14.30 1.99
CA VAL B 185 4.41 -14.03 3.39
C VAL B 185 5.67 -13.19 3.35
N LEU B 186 5.66 -12.06 4.06
CA LEU B 186 6.79 -11.14 4.05
C LEU B 186 7.50 -11.08 5.40
N PRO B 187 8.58 -11.86 5.58
CA PRO B 187 9.30 -11.82 6.85
C PRO B 187 10.13 -10.56 6.97
N GLY B 188 10.48 -10.21 8.20
CA GLY B 188 11.32 -9.05 8.45
C GLY B 188 12.74 -9.53 8.66
N THR B 189 13.14 -9.69 9.91
CA THR B 189 14.50 -10.18 10.21
C THR B 189 14.35 -11.51 10.92
N VAL B 190 14.84 -12.58 10.30
CA VAL B 190 14.72 -13.93 10.87
C VAL B 190 16.09 -14.59 11.03
N LYS B 191 16.27 -15.32 12.12
CA LYS B 191 17.53 -15.99 12.41
C LYS B 191 17.66 -17.29 11.61
N THR B 192 18.31 -17.19 10.44
CA THR B 192 18.50 -18.35 9.57
C THR B 192 19.94 -18.37 9.07
N ASN B 193 20.20 -19.07 7.96
CA ASN B 193 21.56 -19.14 7.41
C ASN B 193 21.73 -18.32 6.14
N ILE B 194 20.75 -17.50 5.80
CA ILE B 194 20.85 -16.72 4.56
C ILE B 194 21.91 -15.62 4.60
N GLY B 195 22.12 -15.02 5.76
CA GLY B 195 23.11 -13.95 5.87
C GLY B 195 22.81 -12.79 4.93
N LEU B 196 23.87 -12.14 4.43
CA LEU B 196 23.71 -11.02 3.51
C LEU B 196 24.17 -11.43 2.11
N GLY B 197 24.57 -12.69 1.97
CA GLY B 197 25.02 -13.18 0.68
C GLY B 197 26.43 -12.79 0.32
N SER B 198 27.17 -12.27 1.30
CA SER B 198 28.55 -11.86 1.09
C SER B 198 29.21 -11.53 2.41
N SER B 199 30.50 -11.84 2.53
CA SER B 199 31.25 -11.56 3.75
C SER B 199 31.63 -10.08 3.74
N LYS B 200 31.51 -9.45 2.58
CA LYS B 200 31.81 -8.03 2.44
C LYS B 200 30.72 -7.34 1.63
N PRO B 201 29.56 -7.13 2.26
CA PRO B 201 28.42 -6.48 1.61
C PRO B 201 28.78 -5.03 1.27
N SER B 202 28.09 -4.48 0.28
CA SER B 202 28.32 -3.10 -0.15
C SER B 202 28.32 -2.11 1.02
N GLU B 203 29.33 -1.25 1.06
CA GLU B 203 29.38 -0.25 2.13
C GLU B 203 28.18 0.69 2.03
N LEU B 204 27.84 1.10 0.81
CA LEU B 204 26.70 2.00 0.61
C LEU B 204 25.39 1.31 0.99
N GLY B 205 25.20 0.09 0.52
CA GLY B 205 23.98 -0.63 0.84
C GLY B 205 23.84 -0.84 2.34
N MET B 206 24.97 -1.11 3.00
CA MET B 206 24.95 -1.33 4.45
C MET B 206 24.66 -0.05 5.22
N ARG B 207 25.03 1.09 4.67
CA ARG B 207 24.76 2.35 5.36
C ARG B 207 23.26 2.50 5.57
N THR B 208 22.47 2.03 4.62
CA THR B 208 21.03 2.13 4.74
C THR B 208 20.45 1.03 5.62
N LEU B 209 20.91 -0.20 5.41
CA LEU B 209 20.39 -1.33 6.18
C LEU B 209 20.66 -1.14 7.68
N THR B 210 21.88 -0.72 8.01
CA THR B 210 22.26 -0.52 9.40
C THR B 210 21.35 0.48 10.11
N LYS B 211 21.00 1.56 9.42
CA LYS B 211 20.10 2.55 10.02
C LYS B 211 18.75 1.93 10.34
N LEU B 212 18.22 1.15 9.40
CA LEU B 212 16.92 0.50 9.60
C LEU B 212 16.97 -0.50 10.75
N MET B 213 18.13 -1.11 10.94
CA MET B 213 18.29 -2.08 12.03
C MET B 213 18.24 -1.38 13.38
N SER B 214 18.34 -0.05 13.40
CA SER B 214 18.27 0.66 14.68
C SER B 214 16.83 0.68 15.19
N LEU B 215 15.87 0.41 14.32
CA LEU B 215 14.46 0.45 14.71
C LEU B 215 13.96 -0.65 15.65
N SER B 216 14.58 -1.83 15.58
CA SER B 216 14.13 -2.92 16.45
C SER B 216 15.25 -3.90 16.80
N SER B 217 15.14 -4.50 17.99
CA SER B 217 16.12 -5.47 18.46
C SER B 217 15.52 -6.87 18.40
N ARG B 218 14.29 -6.97 17.89
CA ARG B 218 13.61 -8.26 17.81
C ARG B 218 14.04 -9.07 16.58
N LEU B 219 14.32 -10.34 16.82
CA LEU B 219 14.75 -11.27 15.77
C LEU B 219 13.84 -12.49 15.85
N ALA B 220 13.08 -12.74 14.80
CA ALA B 220 12.17 -13.88 14.78
C ALA B 220 12.92 -15.18 14.54
N GLU B 221 12.28 -16.29 14.91
CA GLU B 221 12.82 -17.62 14.68
C GLU B 221 12.10 -18.14 13.43
N PRO B 222 12.72 -19.08 12.69
CA PRO B 222 12.11 -19.65 11.48
C PRO B 222 10.69 -20.13 11.72
N GLU B 223 10.46 -20.70 12.90
CA GLU B 223 9.15 -21.23 13.25
C GLU B 223 8.05 -20.16 13.21
N ASP B 224 8.39 -18.92 13.58
CA ASP B 224 7.42 -17.83 13.58
C ASP B 224 6.89 -17.53 12.18
N ILE B 225 7.70 -17.80 11.17
CA ILE B 225 7.28 -17.57 9.79
C ILE B 225 6.54 -18.82 9.30
N ALA B 226 7.12 -19.98 9.58
CA ALA B 226 6.50 -21.23 9.17
C ALA B 226 5.08 -21.36 9.70
N ASN B 227 4.85 -20.89 10.92
CA ASN B 227 3.51 -20.97 11.53
C ASN B 227 2.46 -20.27 10.67
N VAL B 228 2.84 -19.14 10.09
CA VAL B 228 1.92 -18.37 9.26
C VAL B 228 1.73 -19.02 7.90
N ILE B 229 2.82 -19.51 7.33
CA ILE B 229 2.76 -20.18 6.03
C ILE B 229 1.84 -21.41 6.08
N VAL B 230 1.99 -22.22 7.12
CA VAL B 230 1.16 -23.43 7.24
C VAL B 230 -0.31 -23.08 7.46
N PHE B 231 -0.58 -22.05 8.26
CA PHE B 231 -1.96 -21.63 8.47
C PHE B 231 -2.59 -21.21 7.13
N LEU B 232 -1.87 -20.38 6.39
CA LEU B 232 -2.37 -19.88 5.10
C LEU B 232 -2.62 -20.98 4.08
N ALA B 233 -1.92 -22.09 4.25
CA ALA B 233 -2.08 -23.22 3.34
C ALA B 233 -3.29 -24.06 3.70
N SER B 234 -3.80 -23.91 4.93
CA SER B 234 -4.95 -24.68 5.40
C SER B 234 -6.29 -24.06 4.98
N ASP B 235 -7.36 -24.86 5.09
CA ASP B 235 -8.69 -24.38 4.75
C ASP B 235 -9.19 -23.32 5.71
N GLU B 236 -8.45 -23.11 6.80
CA GLU B 236 -8.82 -22.10 7.78
C GLU B 236 -8.63 -20.73 7.13
N ALA B 237 -7.84 -20.69 6.06
CA ALA B 237 -7.58 -19.42 5.36
C ALA B 237 -8.16 -19.48 3.94
N SER B 238 -9.24 -20.22 3.77
CA SER B 238 -9.85 -20.37 2.45
C SER B 238 -10.21 -19.04 1.79
N PHE B 239 -10.38 -17.97 2.57
CA PHE B 239 -10.67 -16.70 1.94
C PHE B 239 -9.54 -15.68 1.93
N VAL B 240 -8.31 -16.15 2.14
CA VAL B 240 -7.16 -15.25 2.05
C VAL B 240 -6.57 -15.62 0.69
N ASN B 241 -6.63 -14.69 -0.25
CA ASN B 241 -6.12 -14.93 -1.57
C ASN B 241 -5.54 -13.68 -2.19
N GLY B 242 -4.25 -13.72 -2.49
CA GLY B 242 -3.60 -12.58 -3.11
C GLY B 242 -2.96 -11.59 -2.15
N ASP B 243 -3.20 -11.76 -0.85
CA ASP B 243 -2.62 -10.83 0.10
C ASP B 243 -1.13 -11.07 0.34
N ALA B 244 -0.45 -9.99 0.73
CA ALA B 244 0.97 -10.02 1.07
C ALA B 244 0.96 -9.82 2.59
N VAL B 245 0.99 -10.93 3.31
CA VAL B 245 0.93 -10.93 4.77
C VAL B 245 2.30 -10.64 5.38
N VAL B 246 2.37 -9.55 6.14
CA VAL B 246 3.63 -9.13 6.75
C VAL B 246 3.81 -9.78 8.14
N VAL B 247 4.96 -10.41 8.34
CA VAL B 247 5.27 -11.11 9.58
C VAL B 247 6.64 -10.60 10.02
N ASP B 248 6.66 -9.32 10.42
CA ASP B 248 7.91 -8.67 10.81
C ASP B 248 7.91 -8.08 12.21
N GLY B 249 6.92 -8.47 13.03
CA GLY B 249 6.85 -7.97 14.39
C GLY B 249 6.50 -6.50 14.52
N GLY B 250 6.13 -5.89 13.39
CA GLY B 250 5.78 -4.48 13.40
C GLY B 250 6.83 -3.56 12.82
N LEU B 251 7.98 -4.12 12.47
CA LEU B 251 9.08 -3.33 11.93
C LEU B 251 8.67 -2.32 10.85
N THR B 252 7.94 -2.77 9.83
CA THR B 252 7.54 -1.87 8.76
C THR B 252 6.33 -0.99 9.04
N VAL B 253 5.68 -1.20 10.18
CA VAL B 253 4.51 -0.39 10.51
C VAL B 253 4.93 0.90 11.23
N LEU B 254 6.17 0.95 11.69
CA LEU B 254 6.68 2.14 12.34
C LEU B 254 6.72 3.27 11.30
N SER C 1 4.61 29.61 -14.53
CA SER C 1 3.29 29.46 -13.88
C SER C 1 2.42 28.47 -14.64
N TYR C 2 1.34 28.03 -14.03
CA TYR C 2 0.42 27.11 -14.70
C TYR C 2 -0.73 27.96 -15.23
N GLN C 3 -0.84 28.05 -16.54
CA GLN C 3 -1.89 28.85 -17.17
C GLN C 3 -3.28 28.49 -16.67
N SER C 4 -3.54 27.20 -16.45
CA SER C 4 -4.86 26.76 -15.99
C SER C 4 -5.25 27.26 -14.61
N LEU C 5 -4.32 27.84 -13.87
CA LEU C 5 -4.64 28.34 -12.52
C LEU C 5 -4.93 29.84 -12.48
N LYS C 6 -4.65 30.53 -13.59
CA LYS C 6 -4.89 31.96 -13.62
C LYS C 6 -6.37 32.25 -13.39
N ASN C 7 -6.62 33.14 -12.44
CA ASN C 7 -7.97 33.56 -12.06
C ASN C 7 -8.89 32.48 -11.52
N LYS C 8 -8.33 31.36 -11.09
CA LYS C 8 -9.16 30.31 -10.51
C LYS C 8 -9.29 30.69 -9.04
N VAL C 9 -10.43 30.36 -8.42
CA VAL C 9 -10.67 30.68 -7.02
C VAL C 9 -10.21 29.52 -6.15
N VAL C 10 -9.24 29.80 -5.30
CA VAL C 10 -8.63 28.79 -4.44
C VAL C 10 -8.75 29.10 -2.96
N ILE C 11 -9.38 28.19 -2.21
CA ILE C 11 -9.51 28.37 -0.77
C ILE C 11 -8.33 27.63 -0.13
N VAL C 12 -7.60 28.32 0.74
CA VAL C 12 -6.46 27.72 1.43
C VAL C 12 -6.66 27.83 2.93
N THR C 13 -6.85 26.72 3.64
CA THR C 13 -7.03 26.81 5.08
C THR C 13 -5.68 26.71 5.80
N GLY C 14 -5.59 27.33 6.97
CA GLY C 14 -4.35 27.34 7.72
C GLY C 14 -3.32 28.16 6.95
N ALA C 15 -3.82 29.16 6.22
CA ALA C 15 -2.96 30.01 5.39
C ALA C 15 -2.00 30.95 6.12
N GLY C 16 -2.17 31.07 7.43
CA GLY C 16 -1.33 32.00 8.17
C GLY C 16 0.05 31.56 8.60
N SER C 17 0.46 30.35 8.22
CA SER C 17 1.76 29.86 8.63
C SER C 17 2.21 28.64 7.82
N GLY C 18 3.49 28.33 7.94
CA GLY C 18 4.07 27.16 7.30
C GLY C 18 3.65 26.81 5.89
N ILE C 19 3.20 25.57 5.72
CA ILE C 19 2.79 25.09 4.40
C ILE C 19 1.64 25.91 3.82
N GLY C 20 0.64 26.20 4.66
CA GLY C 20 -0.50 26.97 4.17
C GLY C 20 -0.07 28.33 3.63
N ARG C 21 0.84 28.99 4.33
CA ARG C 21 1.32 30.29 3.90
C ARG C 21 2.03 30.16 2.55
N ALA C 22 2.84 29.11 2.42
CA ALA C 22 3.56 28.86 1.17
C ALA C 22 2.61 28.52 0.03
N ILE C 23 1.51 27.82 0.35
CA ILE C 23 0.50 27.46 -0.66
C ILE C 23 -0.19 28.73 -1.16
N ALA C 24 -0.59 29.59 -0.22
CA ALA C 24 -1.26 30.83 -0.60
C ALA C 24 -0.37 31.69 -1.50
N LYS C 25 0.90 31.84 -1.12
CA LYS C 25 1.81 32.65 -1.92
C LYS C 25 2.03 32.07 -3.30
N LYS C 26 2.18 30.75 -3.39
CA LYS C 26 2.41 30.10 -4.67
C LYS C 26 1.22 30.24 -5.62
N PHE C 27 0.01 30.08 -5.10
CA PHE C 27 -1.17 30.24 -5.95
C PHE C 27 -1.24 31.71 -6.37
N ALA C 28 -0.95 32.61 -5.45
CA ALA C 28 -0.98 34.04 -5.76
C ALA C 28 -0.01 34.37 -6.89
N LEU C 29 1.18 33.77 -6.85
CA LEU C 29 2.16 34.01 -7.90
C LEU C 29 1.67 33.50 -9.25
N ASN C 30 0.76 32.53 -9.20
CA ASN C 30 0.17 31.96 -10.42
C ASN C 30 -1.09 32.74 -10.81
N ASP C 31 -1.27 33.90 -10.20
CA ASP C 31 -2.41 34.77 -10.46
C ASP C 31 -3.77 34.15 -10.18
N SER C 32 -3.83 33.26 -9.20
CA SER C 32 -5.08 32.65 -8.79
C SER C 32 -5.69 33.62 -7.79
N ILE C 33 -6.97 33.45 -7.53
CA ILE C 33 -7.67 34.28 -6.55
C ILE C 33 -7.61 33.44 -5.30
N VAL C 34 -6.96 33.95 -4.26
CA VAL C 34 -6.80 33.18 -3.03
C VAL C 34 -7.69 33.62 -1.87
N VAL C 35 -8.40 32.67 -1.27
CA VAL C 35 -9.20 32.95 -0.10
C VAL C 35 -8.35 32.36 1.02
N ALA C 36 -7.79 33.22 1.87
CA ALA C 36 -6.94 32.77 2.96
C ALA C 36 -7.81 32.56 4.20
N VAL C 37 -7.93 31.30 4.62
CA VAL C 37 -8.71 30.96 5.81
C VAL C 37 -7.74 30.64 6.93
N GLU C 38 -7.86 31.36 8.05
CA GLU C 38 -6.94 31.18 9.17
C GLU C 38 -7.65 31.47 10.50
N LEU C 39 -7.23 30.73 11.53
CA LEU C 39 -7.80 30.86 12.86
C LEU C 39 -7.39 32.11 13.63
N LEU C 40 -6.09 32.42 13.58
CA LEU C 40 -5.54 33.54 14.32
C LEU C 40 -5.56 34.86 13.57
N GLU C 41 -6.10 35.89 14.21
CA GLU C 41 -6.22 37.22 13.61
C GLU C 41 -4.90 37.77 13.07
N ASP C 42 -3.86 37.83 13.90
CA ASP C 42 -2.61 38.40 13.42
C ASP C 42 -2.04 37.65 12.23
N ARG C 43 -2.08 36.32 12.27
CA ARG C 43 -1.54 35.53 11.17
C ARG C 43 -2.34 35.75 9.90
N LEU C 44 -3.65 35.88 10.05
CA LEU C 44 -4.49 36.11 8.89
C LEU C 44 -4.14 37.45 8.25
N ASN C 45 -4.00 38.50 9.07
CA ASN C 45 -3.70 39.81 8.53
C ASN C 45 -2.32 39.82 7.87
N GLN C 46 -1.41 39.01 8.40
CA GLN C 46 -0.06 38.91 7.85
C GLN C 46 -0.05 38.31 6.45
N ILE C 47 -0.71 37.17 6.26
CA ILE C 47 -0.70 36.55 4.94
C ILE C 47 -1.47 37.41 3.93
N VAL C 48 -2.56 38.04 4.38
CA VAL C 48 -3.33 38.89 3.50
C VAL C 48 -2.46 40.08 3.05
N GLN C 49 -1.73 40.67 3.99
CA GLN C 49 -0.83 41.79 3.66
C GLN C 49 0.20 41.33 2.64
N GLU C 50 0.76 40.14 2.87
CA GLU C 50 1.76 39.63 1.94
C GLU C 50 1.21 39.50 0.53
N LEU C 51 0.03 38.93 0.40
CA LEU C 51 -0.54 38.77 -0.93
C LEU C 51 -0.90 40.13 -1.54
N ARG C 52 -1.42 41.04 -0.74
CA ARG C 52 -1.75 42.35 -1.28
C ARG C 52 -0.47 43.07 -1.70
N GLY C 53 0.60 42.89 -0.93
CA GLY C 53 1.88 43.51 -1.27
C GLY C 53 2.42 42.97 -2.58
N MET C 54 1.96 41.79 -2.97
CA MET C 54 2.38 41.15 -4.22
C MET C 54 1.51 41.62 -5.38
N GLY C 55 0.49 42.42 -5.05
CA GLY C 55 -0.41 42.92 -6.07
C GLY C 55 -1.43 41.88 -6.54
N LYS C 56 -1.68 40.87 -5.73
CA LYS C 56 -2.62 39.81 -6.09
C LYS C 56 -3.97 39.95 -5.38
N GLU C 57 -5.00 39.26 -5.89
CA GLU C 57 -6.34 39.31 -5.31
C GLU C 57 -6.45 38.27 -4.20
N VAL C 58 -6.88 38.73 -3.03
CA VAL C 58 -7.02 37.86 -1.89
C VAL C 58 -8.21 38.29 -1.04
N LEU C 59 -8.86 37.30 -0.44
CA LEU C 59 -9.99 37.53 0.45
C LEU C 59 -9.61 36.81 1.73
N GLY C 60 -9.62 37.52 2.86
CA GLY C 60 -9.27 36.89 4.11
C GLY C 60 -10.50 36.53 4.90
N VAL C 61 -10.49 35.34 5.50
CA VAL C 61 -11.62 34.91 6.31
C VAL C 61 -11.08 34.24 7.57
N LYS C 62 -11.41 34.81 8.73
CA LYS C 62 -10.97 34.22 9.98
C LYS C 62 -12.00 33.14 10.32
N ALA C 63 -11.53 31.93 10.59
CA ALA C 63 -12.43 30.83 10.90
C ALA C 63 -11.70 29.68 11.59
N ASP C 64 -12.46 28.90 12.36
CA ASP C 64 -11.93 27.73 13.05
C ASP C 64 -12.49 26.57 12.22
N VAL C 65 -11.64 25.91 11.43
CA VAL C 65 -12.14 24.84 10.58
C VAL C 65 -12.76 23.64 11.28
N SER C 66 -12.60 23.55 12.60
CA SER C 66 -13.19 22.43 13.35
C SER C 66 -14.68 22.72 13.64
N LYS C 67 -15.12 23.94 13.37
CA LYS C 67 -16.52 24.32 13.59
C LYS C 67 -17.26 24.31 12.25
N LYS C 68 -18.24 23.42 12.11
CA LYS C 68 -18.96 23.34 10.84
C LYS C 68 -19.59 24.64 10.37
N LYS C 69 -20.11 25.43 11.31
CA LYS C 69 -20.73 26.68 10.94
C LYS C 69 -19.69 27.64 10.32
N ASP C 70 -18.47 27.65 10.86
CA ASP C 70 -17.41 28.51 10.33
C ASP C 70 -17.03 28.04 8.94
N VAL C 71 -17.01 26.73 8.72
CA VAL C 71 -16.66 26.20 7.40
C VAL C 71 -17.72 26.63 6.40
N GLU C 72 -18.99 26.49 6.77
CA GLU C 72 -20.06 26.89 5.87
C GLU C 72 -19.91 28.37 5.56
N GLU C 73 -19.46 29.13 6.56
CA GLU C 73 -19.27 30.57 6.38
C GLU C 73 -18.19 30.93 5.34
N PHE C 74 -16.99 30.34 5.44
CA PHE C 74 -15.99 30.72 4.44
C PHE C 74 -16.32 30.19 3.04
N VAL C 75 -17.00 29.05 2.96
CA VAL C 75 -17.39 28.51 1.66
C VAL C 75 -18.42 29.44 1.03
N ARG C 76 -19.42 29.84 1.81
CA ARG C 76 -20.45 30.73 1.30
C ARG C 76 -19.90 32.12 0.91
N ARG C 77 -19.06 32.72 1.76
CA ARG C 77 -18.52 34.04 1.44
C ARG C 77 -17.69 33.97 0.15
N THR C 78 -16.96 32.87 -0.04
CA THR C 78 -16.16 32.72 -1.24
C THR C 78 -17.06 32.68 -2.46
N PHE C 79 -18.13 31.90 -2.35
CA PHE C 79 -19.07 31.78 -3.47
C PHE C 79 -19.76 33.13 -3.75
N GLU C 80 -20.18 33.82 -2.69
CA GLU C 80 -20.83 35.12 -2.87
C GLU C 80 -19.89 36.14 -3.52
N THR C 81 -18.63 36.12 -3.10
CA THR C 81 -17.67 37.07 -3.65
C THR C 81 -17.21 36.80 -5.08
N TYR C 82 -16.85 35.55 -5.37
CA TYR C 82 -16.31 35.20 -6.68
C TYR C 82 -17.16 34.34 -7.59
N SER C 83 -18.33 33.92 -7.11
CA SER C 83 -19.28 33.12 -7.88
C SER C 83 -18.83 31.70 -8.26
N ARG C 84 -17.68 31.28 -7.76
CA ARG C 84 -17.17 29.95 -8.05
C ARG C 84 -16.12 29.56 -7.03
N ILE C 85 -15.87 28.25 -6.93
CA ILE C 85 -14.84 27.70 -6.05
C ILE C 85 -14.21 26.62 -6.91
N ASP C 86 -12.96 26.85 -7.34
CA ASP C 86 -12.29 25.90 -8.21
C ASP C 86 -11.39 24.91 -7.51
N VAL C 87 -10.78 25.36 -6.44
CA VAL C 87 -9.86 24.53 -5.67
C VAL C 87 -10.04 24.75 -4.19
N LEU C 88 -10.06 23.65 -3.43
CA LEU C 88 -10.17 23.71 -1.97
C LEU C 88 -8.96 22.97 -1.42
N CYS C 89 -8.12 23.68 -0.67
CA CYS C 89 -6.95 23.06 -0.06
C CYS C 89 -7.21 22.93 1.42
N ASN C 90 -7.56 21.72 1.87
CA ASN C 90 -7.79 21.44 3.28
C ASN C 90 -6.42 21.19 3.87
N ASN C 91 -5.82 22.26 4.39
CA ASN C 91 -4.47 22.20 4.90
C ASN C 91 -4.27 22.42 6.39
N ALA C 92 -5.17 23.17 7.01
CA ALA C 92 -5.04 23.44 8.44
C ALA C 92 -4.93 22.12 9.22
N GLY C 93 -4.09 22.12 10.24
CA GLY C 93 -3.92 20.93 11.06
C GLY C 93 -3.07 21.21 12.28
N ILE C 94 -3.19 20.36 13.31
CA ILE C 94 -2.42 20.51 14.55
C ILE C 94 -1.82 19.15 14.93
N MET C 95 -0.74 19.17 15.71
CA MET C 95 -0.14 17.92 16.16
C MET C 95 -0.81 17.48 17.45
N ASP C 96 -0.45 16.30 17.97
CA ASP C 96 -1.12 15.74 19.14
C ASP C 96 -0.28 15.36 20.36
N GLY C 97 0.87 15.99 20.52
CA GLY C 97 1.73 15.67 21.65
C GLY C 97 2.40 14.32 21.51
N VAL C 98 2.30 13.72 20.32
CA VAL C 98 2.87 12.40 20.04
C VAL C 98 2.32 11.44 21.10
N THR C 99 1.06 11.66 21.45
CA THR C 99 0.39 10.88 22.49
C THR C 99 -0.13 9.51 22.07
N PRO C 100 0.41 8.43 22.68
CA PRO C 100 -0.01 7.06 22.36
C PRO C 100 -1.40 6.81 22.93
N VAL C 101 -2.12 5.83 22.38
CA VAL C 101 -3.49 5.54 22.78
C VAL C 101 -3.84 5.60 24.26
N ALA C 102 -3.11 4.85 25.08
CA ALA C 102 -3.42 4.82 26.51
C ALA C 102 -3.32 6.16 27.22
N GLU C 103 -2.59 7.11 26.64
CA GLU C 103 -2.40 8.43 27.26
C GLU C 103 -3.29 9.52 26.67
N VAL C 104 -4.15 9.15 25.71
CA VAL C 104 -5.02 10.12 25.05
C VAL C 104 -6.30 10.45 25.83
N SER C 105 -6.52 11.75 26.08
CA SER C 105 -7.72 12.19 26.79
C SER C 105 -8.87 12.32 25.80
N ASP C 106 -10.10 12.35 26.30
CA ASP C 106 -11.26 12.48 25.41
C ASP C 106 -11.16 13.80 24.65
N GLU C 107 -10.70 14.85 25.32
CA GLU C 107 -10.57 16.16 24.70
C GLU C 107 -9.56 16.17 23.56
N LEU C 108 -8.39 15.56 23.78
CA LEU C 108 -7.35 15.52 22.75
C LEU C 108 -7.82 14.73 21.54
N TRP C 109 -8.44 13.58 21.80
CA TRP C 109 -8.96 12.74 20.72
C TRP C 109 -9.94 13.51 19.84
N GLU C 110 -10.92 14.17 20.46
CA GLU C 110 -11.91 14.92 19.70
C GLU C 110 -11.33 16.13 18.98
N ARG C 111 -10.46 16.87 19.66
CA ARG C 111 -9.86 18.07 19.10
C ARG C 111 -9.04 17.77 17.84
N VAL C 112 -8.15 16.80 17.94
CA VAL C 112 -7.31 16.46 16.81
C VAL C 112 -8.14 15.94 15.64
N LEU C 113 -9.11 15.09 15.93
CA LEU C 113 -9.98 14.57 14.86
C LEU C 113 -10.77 15.69 14.20
N ALA C 114 -11.30 16.59 15.02
CA ALA C 114 -12.10 17.68 14.48
C ALA C 114 -11.29 18.62 13.61
N VAL C 115 -10.11 19.02 14.09
CA VAL C 115 -9.29 19.94 13.32
C VAL C 115 -8.63 19.30 12.10
N ASN C 116 -8.10 18.08 12.24
CA ASN C 116 -7.39 17.43 11.13
C ASN C 116 -8.21 16.60 10.17
N LEU C 117 -9.42 16.21 10.56
CA LEU C 117 -10.25 15.39 9.71
C LEU C 117 -11.69 15.90 9.48
N TYR C 118 -12.42 16.18 10.55
CA TYR C 118 -13.80 16.64 10.37
C TYR C 118 -13.87 17.91 9.54
N SER C 119 -12.89 18.79 9.73
CA SER C 119 -12.80 20.05 8.99
C SER C 119 -12.85 19.80 7.48
N ALA C 120 -12.13 18.78 7.02
CA ALA C 120 -12.10 18.43 5.60
C ALA C 120 -13.41 17.80 5.13
N PHE C 121 -14.10 17.11 6.02
CA PHE C 121 -15.39 16.53 5.67
C PHE C 121 -16.39 17.67 5.51
N TYR C 122 -16.41 18.59 6.47
CA TYR C 122 -17.34 19.72 6.40
C TYR C 122 -17.13 20.57 5.15
N SER C 123 -15.89 20.92 4.87
CA SER C 123 -15.61 21.74 3.69
C SER C 123 -15.89 21.00 2.38
N SER C 124 -15.54 19.71 2.31
CA SER C 124 -15.80 18.96 1.08
C SER C 124 -17.32 18.83 0.87
N ARG C 125 -18.07 18.55 1.93
CA ARG C 125 -19.52 18.42 1.77
C ARG C 125 -20.14 19.71 1.24
N ALA C 126 -19.59 20.85 1.67
CA ALA C 126 -20.11 22.14 1.25
C ALA C 126 -19.70 22.57 -0.16
N VAL C 127 -18.49 22.22 -0.58
CA VAL C 127 -18.06 22.64 -1.90
C VAL C 127 -18.44 21.71 -3.03
N ILE C 128 -18.67 20.43 -2.73
CA ILE C 128 -18.99 19.49 -3.80
C ILE C 128 -20.15 19.89 -4.73
N PRO C 129 -21.30 20.30 -4.15
CA PRO C 129 -22.43 20.68 -5.00
C PRO C 129 -22.07 21.84 -5.93
N ILE C 130 -21.28 22.78 -5.40
CA ILE C 130 -20.85 23.94 -6.18
C ILE C 130 -19.96 23.48 -7.34
N MET C 131 -19.02 22.60 -7.04
CA MET C 131 -18.11 22.09 -8.07
C MET C 131 -18.82 21.23 -9.10
N LEU C 132 -19.81 20.43 -8.67
CA LEU C 132 -20.54 19.60 -9.62
C LEU C 132 -21.32 20.47 -10.61
N LYS C 133 -21.86 21.56 -10.11
CA LYS C 133 -22.62 22.51 -10.94
C LYS C 133 -21.67 23.12 -11.97
N GLN C 134 -20.44 23.37 -11.55
CA GLN C 134 -19.40 23.92 -12.42
C GLN C 134 -18.93 22.89 -13.42
N GLY C 135 -19.03 21.61 -13.03
CA GLY C 135 -18.59 20.52 -13.88
C GLY C 135 -17.10 20.26 -13.66
N LYS C 136 -16.52 20.95 -12.68
CA LYS C 136 -15.10 20.81 -12.41
C LYS C 136 -14.72 21.38 -11.05
N GLY C 137 -13.81 20.70 -10.36
CA GLY C 137 -13.33 21.14 -9.07
C GLY C 137 -12.23 20.23 -8.59
N VAL C 138 -11.34 20.75 -7.73
CA VAL C 138 -10.25 19.96 -7.19
C VAL C 138 -10.13 20.20 -5.69
N ILE C 139 -10.01 19.12 -4.93
CA ILE C 139 -9.84 19.20 -3.48
C ILE C 139 -8.48 18.57 -3.18
N VAL C 140 -7.63 19.33 -2.51
CA VAL C 140 -6.30 18.82 -2.16
C VAL C 140 -6.22 18.81 -0.65
N ASN C 141 -6.02 17.63 -0.08
CA ASN C 141 -5.92 17.49 1.36
C ASN C 141 -4.49 17.28 1.82
N THR C 142 -4.04 18.10 2.76
CA THR C 142 -2.69 17.93 3.26
C THR C 142 -2.76 16.89 4.35
N ALA C 143 -2.25 15.70 4.07
CA ALA C 143 -2.26 14.63 5.06
C ALA C 143 -0.90 14.60 5.73
N SER C 144 -0.25 13.44 5.74
CA SER C 144 1.07 13.27 6.38
C SER C 144 1.47 11.82 6.20
N ILE C 145 2.76 11.51 6.34
CA ILE C 145 3.16 10.11 6.25
C ILE C 145 2.55 9.37 7.45
N ALA C 146 2.08 10.12 8.46
CA ALA C 146 1.42 9.50 9.61
C ALA C 146 0.08 8.88 9.17
N GLY C 147 -0.29 9.13 7.91
CA GLY C 147 -1.53 8.59 7.38
C GLY C 147 -1.33 7.22 6.74
N ILE C 148 -0.09 6.75 6.70
CA ILE C 148 0.21 5.44 6.13
C ILE C 148 1.16 4.60 6.99
N ARG C 149 1.65 5.18 8.07
CA ARG C 149 2.57 4.49 8.99
C ARG C 149 2.10 4.77 10.42
N GLY C 150 2.59 4.01 11.39
CA GLY C 150 2.12 4.21 12.75
C GLY C 150 2.98 4.90 13.78
N GLY C 151 4.25 5.14 13.50
CA GLY C 151 5.08 5.76 14.52
C GLY C 151 5.48 7.21 14.31
N PHE C 152 4.88 7.87 13.34
CA PHE C 152 5.24 9.25 13.06
C PHE C 152 4.52 10.35 13.83
N ALA C 153 3.65 9.96 14.75
CA ALA C 153 2.91 10.92 15.58
C ALA C 153 2.14 10.15 16.63
N GLY C 154 1.30 10.84 17.38
CA GLY C 154 0.51 10.14 18.39
C GLY C 154 -0.66 9.45 17.72
N ALA C 155 -1.50 8.79 18.51
CA ALA C 155 -2.66 8.08 17.99
C ALA C 155 -3.71 9.00 17.33
N PRO C 156 -4.06 10.12 17.99
CA PRO C 156 -5.08 10.98 17.36
C PRO C 156 -4.69 11.48 15.97
N TYR C 157 -3.45 11.94 15.83
CA TYR C 157 -2.97 12.46 14.56
C TYR C 157 -2.91 11.35 13.52
N THR C 158 -2.35 10.20 13.91
CA THR C 158 -2.23 9.08 12.99
C THR C 158 -3.62 8.63 12.51
N VAL C 159 -4.56 8.55 13.44
CA VAL C 159 -5.91 8.14 13.07
C VAL C 159 -6.54 9.18 12.14
N ALA C 160 -6.41 10.45 12.50
CA ALA C 160 -7.00 11.51 11.70
C ALA C 160 -6.42 11.54 10.28
N LYS C 161 -5.10 11.39 10.16
CA LYS C 161 -4.47 11.43 8.83
C LYS C 161 -4.84 10.19 8.02
N HIS C 162 -5.01 9.03 8.67
CA HIS C 162 -5.45 7.84 7.93
C HIS C 162 -6.89 8.11 7.45
N GLY C 163 -7.71 8.69 8.33
CA GLY C 163 -9.09 8.98 7.94
C GLY C 163 -9.16 9.98 6.80
N LEU C 164 -8.23 10.93 6.79
CA LEU C 164 -8.21 11.96 5.74
C LEU C 164 -7.90 11.34 4.37
N ILE C 165 -7.02 10.35 4.34
CA ILE C 165 -6.73 9.70 3.08
C ILE C 165 -7.97 8.91 2.65
N GLY C 166 -8.68 8.34 3.61
CA GLY C 166 -9.90 7.62 3.29
C GLY C 166 -10.94 8.57 2.70
N LEU C 167 -11.05 9.76 3.28
CA LEU C 167 -11.99 10.77 2.78
C LEU C 167 -11.62 11.14 1.35
N THR C 168 -10.32 11.26 1.11
CA THR C 168 -9.81 11.61 -0.21
C THR C 168 -10.21 10.52 -1.22
N ARG C 169 -9.97 9.26 -0.86
CA ARG C 169 -10.31 8.14 -1.73
C ARG C 169 -11.82 8.05 -1.98
N SER C 170 -12.61 8.30 -0.94
CA SER C 170 -14.06 8.25 -1.07
C SER C 170 -14.57 9.24 -2.10
N ILE C 171 -14.15 10.50 -1.97
CA ILE C 171 -14.57 11.57 -2.88
C ILE C 171 -14.14 11.26 -4.30
N ALA C 172 -12.88 10.84 -4.45
CA ALA C 172 -12.36 10.52 -5.77
C ALA C 172 -13.15 9.40 -6.45
N ALA C 173 -13.50 8.39 -5.68
CA ALA C 173 -14.25 7.26 -6.22
C ALA C 173 -15.67 7.64 -6.62
N HIS C 174 -16.36 8.33 -5.73
CA HIS C 174 -17.76 8.72 -5.98
C HIS C 174 -18.03 9.86 -6.95
N TYR C 175 -17.14 10.84 -6.99
CA TYR C 175 -17.35 12.01 -7.85
C TYR C 175 -16.39 12.20 -9.00
N GLY C 176 -15.44 11.27 -9.13
CA GLY C 176 -14.46 11.37 -10.19
C GLY C 176 -15.00 11.46 -11.60
N ASP C 177 -16.13 10.81 -11.86
CA ASP C 177 -16.71 10.84 -13.21
C ASP C 177 -17.52 12.09 -13.48
N GLN C 178 -17.68 12.94 -12.48
CA GLN C 178 -18.44 14.18 -12.61
C GLN C 178 -17.58 15.44 -12.61
N GLY C 179 -16.28 15.30 -12.81
CA GLY C 179 -15.42 16.46 -12.87
C GLY C 179 -14.68 16.85 -11.61
N ILE C 180 -14.82 16.09 -10.54
CA ILE C 180 -14.13 16.40 -9.31
C ILE C 180 -12.92 15.49 -9.10
N ARG C 181 -11.82 16.09 -8.64
CA ARG C 181 -10.61 15.34 -8.34
C ARG C 181 -10.31 15.63 -6.89
N ALA C 182 -9.95 14.59 -6.14
CA ALA C 182 -9.60 14.74 -4.74
C ALA C 182 -8.27 14.02 -4.61
N VAL C 183 -7.26 14.72 -4.11
CA VAL C 183 -5.94 14.12 -3.93
C VAL C 183 -5.39 14.50 -2.56
N ALA C 184 -4.41 13.73 -2.10
CA ALA C 184 -3.82 13.99 -0.80
C ALA C 184 -2.32 14.11 -0.97
N VAL C 185 -1.72 15.02 -0.20
CA VAL C 185 -0.28 15.21 -0.23
C VAL C 185 0.22 14.83 1.16
N LEU C 186 1.23 13.98 1.21
CA LEU C 186 1.77 13.48 2.45
C LEU C 186 3.19 13.94 2.74
N PRO C 187 3.36 15.03 3.49
CA PRO C 187 4.70 15.53 3.81
C PRO C 187 5.32 14.61 4.87
N GLY C 188 6.64 14.71 5.03
CA GLY C 188 7.33 13.93 6.03
C GLY C 188 7.61 14.82 7.24
N THR C 189 8.70 15.57 7.18
CA THR C 189 9.08 16.47 8.26
C THR C 189 9.37 17.82 7.62
N VAL C 190 8.66 18.86 8.06
CA VAL C 190 8.85 20.19 7.52
C VAL C 190 8.98 21.21 8.64
N LYS C 191 9.93 22.12 8.50
CA LYS C 191 10.14 23.15 9.51
C LYS C 191 9.02 24.18 9.40
N THR C 192 8.10 24.16 10.36
CA THR C 192 6.98 25.09 10.37
C THR C 192 6.69 25.44 11.82
N ASN C 193 5.47 25.87 12.12
CA ASN C 193 5.09 26.21 13.50
C ASN C 193 4.26 25.14 14.18
N ILE C 194 4.04 24.01 13.50
CA ILE C 194 3.22 22.96 14.09
C ILE C 194 3.82 22.33 15.35
N GLY C 195 5.14 22.23 15.40
CA GLY C 195 5.79 21.66 16.57
C GLY C 195 5.31 20.24 16.86
N LEU C 196 5.27 19.89 18.14
CA LEU C 196 4.84 18.56 18.55
C LEU C 196 3.44 18.56 19.15
N GLY C 197 2.85 19.74 19.26
CA GLY C 197 1.50 19.83 19.78
C GLY C 197 1.41 19.90 21.29
N SER C 198 2.55 19.90 21.96
CA SER C 198 2.60 19.96 23.41
C SER C 198 4.00 20.35 23.91
N SER C 199 4.06 21.04 25.04
CA SER C 199 5.34 21.44 25.60
C SER C 199 5.97 20.25 26.32
N LYS C 200 5.13 19.26 26.62
CA LYS C 200 5.58 18.05 27.30
C LYS C 200 5.04 16.82 26.57
N PRO C 201 5.58 16.55 25.37
CA PRO C 201 5.15 15.39 24.57
C PRO C 201 5.41 14.05 25.24
N SER C 202 4.57 13.07 24.94
CA SER C 202 4.68 11.73 25.52
C SER C 202 6.07 11.13 25.42
N GLU C 203 6.57 10.66 26.56
CA GLU C 203 7.88 10.04 26.62
C GLU C 203 7.89 8.82 25.68
N LEU C 204 6.90 7.95 25.85
CA LEU C 204 6.78 6.75 25.03
C LEU C 204 6.65 7.09 23.54
N GLY C 205 5.78 8.04 23.23
CA GLY C 205 5.60 8.41 21.84
C GLY C 205 6.87 8.98 21.23
N MET C 206 7.57 9.81 21.99
CA MET C 206 8.80 10.40 21.51
C MET C 206 9.89 9.37 21.24
N ARG C 207 9.97 8.32 22.05
CA ARG C 207 10.99 7.30 21.83
C ARG C 207 10.85 6.72 20.42
N THR C 208 9.63 6.44 20.01
CA THR C 208 9.40 5.90 18.68
C THR C 208 9.71 6.94 17.61
N LEU C 209 9.11 8.11 17.75
CA LEU C 209 9.33 9.18 16.78
C LEU C 209 10.80 9.48 16.60
N THR C 210 11.53 9.63 17.71
CA THR C 210 12.94 9.94 17.64
C THR C 210 13.75 8.93 16.81
N LYS C 211 13.45 7.65 16.94
CA LYS C 211 14.17 6.63 16.18
C LYS C 211 13.89 6.78 14.69
N LEU C 212 12.65 7.09 14.34
CA LEU C 212 12.30 7.27 12.94
C LEU C 212 12.95 8.51 12.35
N MET C 213 13.04 9.57 13.15
CA MET C 213 13.64 10.82 12.69
C MET C 213 15.13 10.63 12.42
N SER C 214 15.74 9.66 13.10
CA SER C 214 17.16 9.40 12.94
C SER C 214 17.51 8.77 11.60
N LEU C 215 16.50 8.21 10.93
CA LEU C 215 16.69 7.55 9.64
C LEU C 215 17.19 8.47 8.51
N SER C 216 16.74 9.71 8.51
CA SER C 216 17.16 10.65 7.47
C SER C 216 17.34 12.04 8.06
N SER C 217 18.07 12.90 7.35
CA SER C 217 18.32 14.24 7.84
C SER C 217 17.85 15.36 6.91
N ARG C 218 17.33 15.00 5.74
CA ARG C 218 16.86 16.02 4.80
C ARG C 218 15.45 16.48 5.19
N LEU C 219 15.35 17.77 5.52
CA LEU C 219 14.09 18.41 5.94
C LEU C 219 13.54 19.31 4.84
N ALA C 220 12.30 19.08 4.45
CA ALA C 220 11.69 19.89 3.41
C ALA C 220 11.35 21.29 3.90
N GLU C 221 11.27 22.24 2.97
CA GLU C 221 10.88 23.60 3.31
C GLU C 221 9.39 23.64 2.95
N PRO C 222 8.64 24.60 3.53
CA PRO C 222 7.21 24.65 3.19
C PRO C 222 6.96 24.77 1.69
N GLU C 223 7.81 25.53 1.00
CA GLU C 223 7.67 25.71 -0.43
C GLU C 223 7.72 24.39 -1.20
N ASP C 224 8.48 23.44 -0.69
CA ASP C 224 8.61 22.14 -1.37
C ASP C 224 7.29 21.37 -1.35
N ILE C 225 6.48 21.60 -0.32
CA ILE C 225 5.18 20.93 -0.23
C ILE C 225 4.17 21.70 -1.07
N ALA C 226 4.22 23.02 -0.97
CA ALA C 226 3.34 23.90 -1.74
C ALA C 226 3.52 23.65 -3.23
N ASN C 227 4.76 23.43 -3.67
CA ASN C 227 5.00 23.19 -5.08
C ASN C 227 4.22 22.02 -5.65
N VAL C 228 4.10 20.94 -4.88
CA VAL C 228 3.38 19.76 -5.34
C VAL C 228 1.87 19.99 -5.26
N ILE C 229 1.42 20.65 -4.19
CA ILE C 229 0.01 20.93 -4.05
C ILE C 229 -0.52 21.80 -5.20
N VAL C 230 0.22 22.83 -5.56
CA VAL C 230 -0.22 23.72 -6.65
C VAL C 230 -0.23 22.96 -7.99
N PHE C 231 0.80 22.15 -8.23
CA PHE C 231 0.81 21.37 -9.45
C PHE C 231 -0.41 20.46 -9.52
N LEU C 232 -0.71 19.77 -8.42
CA LEU C 232 -1.84 18.85 -8.40
C LEU C 232 -3.19 19.54 -8.61
N ALA C 233 -3.24 20.83 -8.27
CA ALA C 233 -4.47 21.60 -8.43
C ALA C 233 -4.66 22.08 -9.87
N SER C 234 -3.58 22.05 -10.65
CA SER C 234 -3.64 22.52 -12.03
C SER C 234 -4.14 21.47 -13.01
N ASP C 235 -4.44 21.89 -14.24
CA ASP C 235 -4.91 20.94 -15.25
C ASP C 235 -3.82 19.98 -15.70
N GLU C 236 -2.58 20.26 -15.34
CA GLU C 236 -1.47 19.38 -15.69
C GLU C 236 -1.67 18.02 -15.02
N ALA C 237 -2.41 18.02 -13.91
CA ALA C 237 -2.67 16.80 -13.16
C ALA C 237 -4.10 16.31 -13.34
N SER C 238 -4.70 16.59 -14.49
CA SER C 238 -6.08 16.19 -14.75
C SER C 238 -6.35 14.70 -14.55
N PHE C 239 -5.34 13.85 -14.65
CA PHE C 239 -5.56 12.44 -14.44
C PHE C 239 -5.05 11.89 -13.13
N VAL C 240 -4.73 12.78 -12.20
CA VAL C 240 -4.30 12.34 -10.88
C VAL C 240 -5.54 12.53 -10.01
N ASN C 241 -6.14 11.42 -9.60
CA ASN C 241 -7.35 11.51 -8.77
C ASN C 241 -7.39 10.39 -7.73
N GLY C 242 -7.45 10.78 -6.47
CA GLY C 242 -7.53 9.80 -5.41
C GLY C 242 -6.20 9.31 -4.86
N ASP C 243 -5.09 9.70 -5.48
CA ASP C 243 -3.80 9.23 -5.00
C ASP C 243 -3.34 10.00 -3.77
N ALA C 244 -2.49 9.35 -2.98
CA ALA C 244 -1.91 9.94 -1.79
C ALA C 244 -0.44 10.08 -2.18
N VAL C 245 -0.08 11.27 -2.65
CA VAL C 245 1.26 11.56 -3.13
C VAL C 245 2.21 11.86 -1.98
N VAL C 246 3.28 11.08 -1.88
CA VAL C 246 4.24 11.25 -0.80
C VAL C 246 5.34 12.24 -1.17
N VAL C 247 5.57 13.22 -0.30
CA VAL C 247 6.57 14.25 -0.55
C VAL C 247 7.43 14.33 0.70
N ASP C 248 8.21 13.27 0.95
CA ASP C 248 9.04 13.20 2.14
C ASP C 248 10.53 13.01 1.87
N GLY C 249 10.97 13.26 0.64
CA GLY C 249 12.38 13.11 0.33
C GLY C 249 12.86 11.67 0.30
N GLY C 250 11.94 10.73 0.54
CA GLY C 250 12.31 9.32 0.50
C GLY C 250 12.31 8.65 1.86
N LEU C 251 11.94 9.39 2.91
CA LEU C 251 11.93 8.83 4.25
C LEU C 251 11.16 7.52 4.37
N THR C 252 9.93 7.47 3.89
CA THR C 252 9.13 6.26 4.02
C THR C 252 9.47 5.16 3.02
N VAL C 253 10.39 5.41 2.10
CA VAL C 253 10.73 4.37 1.13
C VAL C 253 11.81 3.44 1.68
N LEU C 254 12.52 3.89 2.71
CA LEU C 254 13.57 3.06 3.28
C LEU C 254 12.96 1.79 3.85
N SER D 1 -7.31 -27.21 17.52
CA SER D 1 -7.35 -25.91 18.25
C SER D 1 -5.95 -25.37 18.56
N TYR D 2 -5.90 -24.15 19.05
CA TYR D 2 -4.62 -23.51 19.39
C TYR D 2 -4.47 -23.61 20.90
N GLN D 3 -3.46 -24.35 21.35
CA GLN D 3 -3.21 -24.53 22.77
C GLN D 3 -3.05 -23.22 23.52
N SER D 4 -2.38 -22.25 22.90
CA SER D 4 -2.13 -20.97 23.55
C SER D 4 -3.40 -20.17 23.85
N LEU D 5 -4.55 -20.59 23.32
CA LEU D 5 -5.78 -19.87 23.59
C LEU D 5 -6.64 -20.46 24.70
N LYS D 6 -6.25 -21.63 25.20
CA LYS D 6 -7.01 -22.27 26.28
C LYS D 6 -7.00 -21.37 27.52
N ASN D 7 -8.19 -21.16 28.09
CA ASN D 7 -8.35 -20.36 29.28
C ASN D 7 -7.93 -18.90 29.19
N LYS D 8 -7.78 -18.40 27.97
CA LYS D 8 -7.41 -16.99 27.79
C LYS D 8 -8.72 -16.22 27.80
N VAL D 9 -8.69 -15.01 28.36
CA VAL D 9 -9.89 -14.18 28.42
C VAL D 9 -9.97 -13.33 27.17
N VAL D 10 -11.05 -13.52 26.42
CA VAL D 10 -11.28 -12.84 25.15
C VAL D 10 -12.56 -12.03 25.13
N ILE D 11 -12.44 -10.73 24.83
CA ILE D 11 -13.60 -9.86 24.73
C ILE D 11 -13.97 -9.78 23.24
N VAL D 12 -15.23 -10.08 22.92
CA VAL D 12 -15.70 -10.03 21.54
C VAL D 12 -16.89 -9.09 21.44
N THR D 13 -16.74 -7.97 20.73
CA THR D 13 -17.86 -7.03 20.60
C THR D 13 -18.69 -7.37 19.35
N GLY D 14 -19.97 -7.04 19.39
CA GLY D 14 -20.85 -7.38 18.28
C GLY D 14 -21.01 -8.89 18.20
N ALA D 15 -20.89 -9.55 19.36
CA ALA D 15 -20.97 -11.01 19.43
C ALA D 15 -22.33 -11.66 19.12
N GLY D 16 -23.39 -10.86 19.05
CA GLY D 16 -24.70 -11.42 18.80
C GLY D 16 -25.06 -11.78 17.38
N SER D 17 -24.21 -11.45 16.42
CA SER D 17 -24.53 -11.75 15.02
C SER D 17 -23.31 -11.85 14.12
N GLY D 18 -23.54 -12.38 12.92
CA GLY D 18 -22.52 -12.50 11.90
C GLY D 18 -21.13 -12.91 12.31
N ILE D 19 -20.16 -12.10 11.91
CA ILE D 19 -18.76 -12.40 12.20
C ILE D 19 -18.48 -12.48 13.69
N GLY D 20 -19.06 -11.58 14.47
CA GLY D 20 -18.85 -11.59 15.90
C GLY D 20 -19.31 -12.87 16.57
N ARG D 21 -20.48 -13.38 16.14
CA ARG D 21 -21.02 -14.60 16.71
C ARG D 21 -20.08 -15.75 16.32
N ALA D 22 -19.59 -15.73 15.10
CA ALA D 22 -18.68 -16.78 14.64
C ALA D 22 -17.37 -16.71 15.43
N ILE D 23 -16.93 -15.48 15.74
CA ILE D 23 -15.70 -15.30 16.52
C ILE D 23 -15.89 -15.87 17.92
N ALA D 24 -17.01 -15.51 18.56
CA ALA D 24 -17.29 -15.99 19.90
C ALA D 24 -17.28 -17.51 19.96
N LYS D 25 -18.00 -18.15 19.02
CA LYS D 25 -18.07 -19.60 19.00
C LYS D 25 -16.70 -20.25 18.76
N LYS D 26 -15.93 -19.69 17.84
CA LYS D 26 -14.61 -20.23 17.53
C LYS D 26 -13.69 -20.19 18.74
N PHE D 27 -13.67 -19.06 19.45
CA PHE D 27 -12.83 -18.96 20.64
C PHE D 27 -13.33 -19.93 21.72
N ALA D 28 -14.64 -20.04 21.85
CA ALA D 28 -15.23 -20.94 22.85
C ALA D 28 -14.78 -22.37 22.55
N LEU D 29 -14.80 -22.75 21.28
CA LEU D 29 -14.38 -24.08 20.88
C LEU D 29 -12.90 -24.33 21.18
N ASN D 30 -12.15 -23.24 21.36
CA ASN D 30 -10.72 -23.32 21.70
C ASN D 30 -10.60 -23.24 23.22
N ASP D 31 -11.74 -23.34 23.90
CA ASP D 31 -11.80 -23.29 25.34
C ASP D 31 -11.30 -22.00 25.95
N SER D 32 -11.50 -20.90 25.23
CA SER D 32 -11.11 -19.60 25.73
C SER D 32 -12.29 -19.16 26.60
N ILE D 33 -12.08 -18.16 27.43
CA ILE D 33 -13.15 -17.61 28.27
C ILE D 33 -13.65 -16.44 27.43
N VAL D 34 -14.92 -16.47 27.05
CA VAL D 34 -15.44 -15.41 26.20
C VAL D 34 -16.36 -14.39 26.85
N VAL D 35 -16.04 -13.13 26.67
CA VAL D 35 -16.87 -12.05 27.18
C VAL D 35 -17.59 -11.53 25.95
N ALA D 36 -18.86 -11.90 25.82
CA ALA D 36 -19.67 -11.52 24.68
C ALA D 36 -20.34 -10.17 24.91
N VAL D 37 -19.94 -9.18 24.13
CA VAL D 37 -20.49 -7.83 24.22
C VAL D 37 -21.39 -7.61 23.01
N GLU D 38 -22.64 -7.26 23.27
CA GLU D 38 -23.64 -7.05 22.23
C GLU D 38 -24.66 -6.00 22.65
N LEU D 39 -25.14 -5.25 21.67
CA LEU D 39 -26.12 -4.19 21.88
C LEU D 39 -27.53 -4.74 22.15
N LEU D 40 -27.98 -5.65 21.30
CA LEU D 40 -29.31 -6.24 21.40
C LEU D 40 -29.41 -7.39 22.39
N GLU D 41 -30.32 -7.25 23.36
CA GLU D 41 -30.48 -8.26 24.40
C GLU D 41 -30.84 -9.66 23.93
N ASP D 42 -31.78 -9.79 23.01
CA ASP D 42 -32.16 -11.10 22.53
C ASP D 42 -31.00 -11.80 21.85
N ARG D 43 -30.24 -11.05 21.05
CA ARG D 43 -29.08 -11.63 20.37
C ARG D 43 -28.01 -12.03 21.37
N LEU D 44 -27.80 -11.17 22.37
CA LEU D 44 -26.81 -11.45 23.40
C LEU D 44 -27.18 -12.72 24.16
N ASN D 45 -28.45 -12.86 24.52
CA ASN D 45 -28.90 -14.04 25.25
C ASN D 45 -28.71 -15.30 24.42
N GLN D 46 -29.03 -15.22 23.12
CA GLN D 46 -28.89 -16.36 22.24
C GLN D 46 -27.46 -16.89 22.18
N ILE D 47 -26.48 -16.00 21.99
CA ILE D 47 -25.09 -16.45 21.92
C ILE D 47 -24.59 -16.93 23.27
N VAL D 48 -24.98 -16.24 24.35
CA VAL D 48 -24.55 -16.65 25.68
C VAL D 48 -25.07 -18.06 26.00
N GLN D 49 -26.34 -18.30 25.71
CA GLN D 49 -26.93 -19.62 25.99
C GLN D 49 -26.33 -20.68 25.09
N GLU D 50 -25.95 -20.29 23.88
CA GLU D 50 -25.36 -21.23 22.94
C GLU D 50 -23.98 -21.71 23.46
N LEU D 51 -23.15 -20.77 23.91
CA LEU D 51 -21.83 -21.14 24.42
C LEU D 51 -21.92 -21.88 25.75
N ARG D 52 -22.89 -21.50 26.58
CA ARG D 52 -23.09 -22.17 27.86
C ARG D 52 -23.44 -23.62 27.57
N GLY D 53 -24.29 -23.82 26.57
CA GLY D 53 -24.70 -25.15 26.19
C GLY D 53 -23.51 -26.01 25.80
N MET D 54 -22.55 -25.40 25.11
CA MET D 54 -21.36 -26.12 24.69
C MET D 54 -20.48 -26.42 25.89
N GLY D 55 -20.91 -25.98 27.06
CA GLY D 55 -20.16 -26.21 28.28
C GLY D 55 -18.94 -25.31 28.43
N LYS D 56 -18.95 -24.15 27.79
CA LYS D 56 -17.83 -23.23 27.88
C LYS D 56 -18.14 -22.05 28.80
N GLU D 57 -17.09 -21.39 29.28
CA GLU D 57 -17.22 -20.24 30.18
C GLU D 57 -17.50 -18.99 29.34
N VAL D 58 -18.63 -18.34 29.61
CA VAL D 58 -19.00 -17.14 28.87
C VAL D 58 -19.71 -16.11 29.74
N LEU D 59 -19.36 -14.84 29.54
CA LEU D 59 -19.97 -13.75 30.29
C LEU D 59 -20.61 -12.80 29.27
N GLY D 60 -21.92 -12.60 29.41
CA GLY D 60 -22.61 -11.72 28.49
C GLY D 60 -22.74 -10.32 29.05
N VAL D 61 -22.47 -9.33 28.22
CA VAL D 61 -22.58 -7.94 28.64
C VAL D 61 -23.34 -7.18 27.57
N LYS D 62 -24.48 -6.60 27.95
CA LYS D 62 -25.28 -5.83 27.03
C LYS D 62 -24.69 -4.43 27.08
N ALA D 63 -24.19 -3.95 25.95
CA ALA D 63 -23.56 -2.63 25.93
C ALA D 63 -23.53 -2.00 24.55
N ASP D 64 -23.44 -0.67 24.53
CA ASP D 64 -23.34 0.09 23.29
C ASP D 64 -21.88 0.52 23.25
N VAL D 65 -21.10 -0.05 22.34
CA VAL D 65 -19.67 0.28 22.27
C VAL D 65 -19.34 1.71 21.88
N SER D 66 -20.32 2.46 21.40
CA SER D 66 -20.07 3.85 21.02
C SER D 66 -20.10 4.75 22.27
N LYS D 67 -20.48 4.17 23.41
CA LYS D 67 -20.53 4.92 24.66
C LYS D 67 -19.35 4.56 25.56
N LYS D 68 -18.48 5.54 25.78
CA LYS D 68 -17.29 5.31 26.61
C LYS D 68 -17.62 4.63 27.93
N LYS D 69 -18.64 5.11 28.63
CA LYS D 69 -18.98 4.51 29.92
C LYS D 69 -19.31 3.01 29.82
N ASP D 70 -20.00 2.60 28.76
CA ASP D 70 -20.34 1.19 28.58
C ASP D 70 -19.06 0.39 28.36
N VAL D 71 -18.15 0.94 27.55
CA VAL D 71 -16.89 0.25 27.27
C VAL D 71 -16.02 0.12 28.52
N GLU D 72 -15.82 1.23 29.21
CA GLU D 72 -15.00 1.20 30.41
C GLU D 72 -15.59 0.21 31.41
N GLU D 73 -16.91 0.11 31.43
CA GLU D 73 -17.58 -0.78 32.37
C GLU D 73 -17.36 -2.26 32.03
N PHE D 74 -17.51 -2.66 30.76
CA PHE D 74 -17.30 -4.06 30.47
C PHE D 74 -15.83 -4.47 30.59
N VAL D 75 -14.93 -3.49 30.50
CA VAL D 75 -13.51 -3.80 30.67
C VAL D 75 -13.27 -4.03 32.15
N ARG D 76 -13.80 -3.16 33.01
CA ARG D 76 -13.63 -3.33 34.45
C ARG D 76 -14.27 -4.64 34.91
N ARG D 77 -15.47 -4.91 34.40
CA ARG D 77 -16.17 -6.14 34.77
C ARG D 77 -15.39 -7.38 34.38
N THR D 78 -14.80 -7.37 33.19
CA THR D 78 -14.02 -8.51 32.74
C THR D 78 -12.83 -8.76 33.65
N PHE D 79 -12.08 -7.69 33.94
CA PHE D 79 -10.92 -7.79 34.80
C PHE D 79 -11.29 -8.21 36.24
N GLU D 80 -12.34 -7.62 36.76
CA GLU D 80 -12.77 -7.94 38.12
C GLU D 80 -13.26 -9.38 38.22
N THR D 81 -13.82 -9.89 37.13
CA THR D 81 -14.34 -11.23 37.10
C THR D 81 -13.30 -12.31 36.80
N TYR D 82 -12.41 -12.05 35.86
CA TYR D 82 -11.41 -13.03 35.47
C TYR D 82 -9.95 -12.68 35.77
N SER D 83 -9.71 -11.48 36.28
CA SER D 83 -8.37 -11.02 36.65
C SER D 83 -7.38 -10.81 35.50
N ARG D 84 -7.87 -10.90 34.27
CA ARG D 84 -7.00 -10.72 33.11
C ARG D 84 -7.80 -10.49 31.85
N ILE D 85 -7.16 -9.87 30.86
CA ILE D 85 -7.77 -9.63 29.56
C ILE D 85 -6.64 -9.92 28.57
N ASP D 86 -6.75 -11.05 27.88
CA ASP D 86 -5.71 -11.47 26.95
C ASP D 86 -5.92 -11.02 25.52
N VAL D 87 -7.16 -11.01 25.08
CA VAL D 87 -7.49 -10.64 23.71
C VAL D 87 -8.70 -9.72 23.62
N LEU D 88 -8.58 -8.70 22.80
CA LEU D 88 -9.69 -7.77 22.58
C LEU D 88 -10.02 -7.78 21.09
N CYS D 89 -11.23 -8.19 20.76
CA CYS D 89 -11.68 -8.20 19.37
C CYS D 89 -12.68 -7.07 19.16
N ASN D 90 -12.23 -5.98 18.55
CA ASN D 90 -13.10 -4.84 18.28
C ASN D 90 -13.76 -5.15 16.94
N ASN D 91 -14.92 -5.80 17.03
CA ASN D 91 -15.63 -6.27 15.85
C ASN D 91 -16.96 -5.61 15.51
N ALA D 92 -17.67 -5.09 16.50
CA ALA D 92 -18.97 -4.45 16.21
C ALA D 92 -18.84 -3.30 15.21
N GLY D 93 -19.82 -3.19 14.33
CA GLY D 93 -19.82 -2.11 13.36
C GLY D 93 -21.14 -2.05 12.63
N ILE D 94 -21.40 -0.93 11.98
CA ILE D 94 -22.64 -0.75 11.21
C ILE D 94 -22.28 -0.13 9.86
N MET D 95 -23.17 -0.27 8.88
CA MET D 95 -22.92 0.32 7.56
C MET D 95 -23.51 1.72 7.49
N ASP D 96 -23.28 2.40 6.38
CA ASP D 96 -23.70 3.80 6.23
C ASP D 96 -24.60 4.15 5.06
N GLY D 97 -25.31 3.17 4.52
CA GLY D 97 -26.19 3.43 3.39
C GLY D 97 -25.45 3.75 2.09
N VAL D 98 -24.15 3.47 2.06
CA VAL D 98 -23.30 3.74 0.90
C VAL D 98 -23.45 5.21 0.54
N THR D 99 -23.56 6.06 1.56
CA THR D 99 -23.76 7.49 1.38
C THR D 99 -22.51 8.31 1.08
N PRO D 100 -22.46 8.93 -0.11
CA PRO D 100 -21.30 9.74 -0.49
C PRO D 100 -21.28 11.07 0.25
N VAL D 101 -20.09 11.65 0.37
CA VAL D 101 -19.88 12.89 1.12
C VAL D 101 -20.95 13.99 1.06
N ALA D 102 -21.33 14.42 -0.14
CA ALA D 102 -22.31 15.50 -0.27
C ALA D 102 -23.68 15.19 0.32
N GLU D 103 -23.98 13.91 0.45
CA GLU D 103 -25.28 13.46 0.96
C GLU D 103 -25.29 13.11 2.44
N VAL D 104 -24.12 13.11 3.07
CA VAL D 104 -24.01 12.74 4.47
C VAL D 104 -24.53 13.76 5.48
N SER D 105 -25.48 13.32 6.32
CA SER D 105 -26.03 14.20 7.36
C SER D 105 -25.08 14.10 8.54
N ASP D 106 -25.11 15.09 9.42
CA ASP D 106 -24.23 15.05 10.59
C ASP D 106 -24.53 13.82 11.45
N GLU D 107 -25.81 13.48 11.55
CA GLU D 107 -26.20 12.32 12.36
C GLU D 107 -25.54 11.04 11.82
N LEU D 108 -25.57 10.85 10.51
CA LEU D 108 -24.97 9.65 9.93
C LEU D 108 -23.47 9.60 10.18
N TRP D 109 -22.79 10.71 9.89
CA TRP D 109 -21.34 10.82 10.08
C TRP D 109 -20.96 10.53 11.53
N GLU D 110 -21.61 11.22 12.46
CA GLU D 110 -21.32 11.04 13.87
C GLU D 110 -21.57 9.64 14.39
N ARG D 111 -22.68 9.03 14.00
CA ARG D 111 -23.01 7.70 14.47
C ARG D 111 -22.05 6.63 13.94
N VAL D 112 -21.77 6.68 12.65
CA VAL D 112 -20.86 5.70 12.06
C VAL D 112 -19.44 5.82 12.63
N LEU D 113 -18.93 7.04 12.81
CA LEU D 113 -17.59 7.21 13.37
C LEU D 113 -17.57 6.73 14.82
N ALA D 114 -18.66 7.00 15.54
CA ALA D 114 -18.72 6.60 16.94
C ALA D 114 -18.73 5.07 17.10
N VAL D 115 -19.59 4.40 16.35
CA VAL D 115 -19.68 2.95 16.46
C VAL D 115 -18.51 2.21 15.83
N ASN D 116 -18.05 2.66 14.67
CA ASN D 116 -16.98 1.96 13.96
C ASN D 116 -15.55 2.34 14.31
N LEU D 117 -15.35 3.50 14.94
CA LEU D 117 -14.00 3.94 15.27
C LEU D 117 -13.80 4.32 16.74
N TYR D 118 -14.64 5.21 17.26
CA TYR D 118 -14.48 5.62 18.65
C TYR D 118 -14.52 4.41 19.60
N SER D 119 -15.41 3.48 19.29
CA SER D 119 -15.56 2.25 20.08
C SER D 119 -14.21 1.53 20.30
N ALA D 120 -13.44 1.41 19.23
CA ALA D 120 -12.14 0.73 19.29
C ALA D 120 -11.10 1.56 20.05
N PHE D 121 -11.26 2.88 20.01
CA PHE D 121 -10.34 3.75 20.73
C PHE D 121 -10.61 3.59 22.22
N TYR D 122 -11.89 3.66 22.59
CA TYR D 122 -12.29 3.53 24.00
C TYR D 122 -11.82 2.21 24.59
N SER D 123 -12.08 1.12 23.90
CA SER D 123 -11.70 -0.20 24.40
C SER D 123 -10.18 -0.38 24.46
N SER D 124 -9.48 0.03 23.42
CA SER D 124 -8.03 -0.12 23.38
C SER D 124 -7.38 0.69 24.50
N ARG D 125 -7.84 1.92 24.69
CA ARG D 125 -7.30 2.78 25.73
C ARG D 125 -7.50 2.15 27.11
N ALA D 126 -8.63 1.49 27.29
CA ALA D 126 -8.92 0.87 28.59
C ALA D 126 -8.17 -0.43 28.84
N VAL D 127 -7.99 -1.24 27.81
CA VAL D 127 -7.31 -2.52 28.00
C VAL D 127 -5.79 -2.49 27.91
N ILE D 128 -5.20 -1.48 27.28
CA ILE D 128 -3.74 -1.46 27.15
C ILE D 128 -2.98 -1.48 28.48
N PRO D 129 -3.39 -0.66 29.45
CA PRO D 129 -2.65 -0.70 30.71
C PRO D 129 -2.69 -2.10 31.36
N ILE D 130 -3.81 -2.80 31.22
CA ILE D 130 -3.97 -4.14 31.77
C ILE D 130 -3.03 -5.12 31.05
N MET D 131 -2.98 -5.02 29.73
CA MET D 131 -2.11 -5.89 28.95
C MET D 131 -0.64 -5.56 29.22
N LEU D 132 -0.33 -4.28 29.38
CA LEU D 132 1.06 -3.92 29.66
C LEU D 132 1.52 -4.54 30.97
N LYS D 133 0.65 -4.53 31.97
CA LYS D 133 0.99 -5.10 33.27
C LYS D 133 1.20 -6.61 33.14
N GLN D 134 0.41 -7.23 32.27
CA GLN D 134 0.53 -8.67 32.02
C GLN D 134 1.77 -8.98 31.20
N GLY D 135 2.26 -7.99 30.47
CA GLY D 135 3.43 -8.17 29.63
C GLY D 135 3.05 -8.81 28.31
N LYS D 136 1.74 -8.93 28.08
CA LYS D 136 1.23 -9.55 26.87
C LYS D 136 -0.23 -9.26 26.61
N GLY D 137 -0.56 -9.06 25.35
CA GLY D 137 -1.94 -8.80 24.99
C GLY D 137 -2.09 -8.71 23.48
N VAL D 138 -3.29 -8.96 22.96
CA VAL D 138 -3.52 -8.85 21.53
C VAL D 138 -4.85 -8.18 21.26
N ILE D 139 -4.83 -7.21 20.36
CA ILE D 139 -6.04 -6.50 19.97
C ILE D 139 -6.24 -6.78 18.49
N VAL D 140 -7.41 -7.33 18.14
CA VAL D 140 -7.70 -7.62 16.74
C VAL D 140 -8.88 -6.73 16.33
N ASN D 141 -8.65 -5.86 15.36
CA ASN D 141 -9.71 -4.96 14.90
C ASN D 141 -10.33 -5.46 13.59
N THR D 142 -11.66 -5.56 13.55
CA THR D 142 -12.30 -6.00 12.31
C THR D 142 -12.54 -4.73 11.50
N ALA D 143 -11.73 -4.54 10.47
CA ALA D 143 -11.86 -3.37 9.62
C ALA D 143 -12.70 -3.75 8.40
N SER D 144 -12.17 -3.52 7.20
CA SER D 144 -12.87 -3.82 5.96
C SER D 144 -11.98 -3.39 4.80
N ILE D 145 -12.25 -3.91 3.61
CA ILE D 145 -11.45 -3.45 2.49
C ILE D 145 -11.81 -1.97 2.24
N ALA D 146 -12.89 -1.48 2.84
CA ALA D 146 -13.24 -0.06 2.68
C ALA D 146 -12.23 0.78 3.48
N GLY D 147 -11.31 0.11 4.17
CA GLY D 147 -10.29 0.81 4.93
C GLY D 147 -9.04 1.06 4.09
N ILE D 148 -9.02 0.56 2.86
CA ILE D 148 -7.88 0.74 1.97
C ILE D 148 -8.28 1.20 0.57
N ARG D 149 -9.57 1.19 0.28
CA ARG D 149 -10.09 1.60 -1.03
C ARG D 149 -11.24 2.56 -0.79
N GLY D 150 -11.66 3.29 -1.82
CA GLY D 150 -12.73 4.27 -1.64
C GLY D 150 -14.13 4.02 -2.15
N GLY D 151 -14.34 2.96 -2.92
CA GLY D 151 -15.68 2.74 -3.44
C GLY D 151 -16.50 1.61 -2.84
N PHE D 152 -16.00 1.00 -1.77
CA PHE D 152 -16.70 -0.13 -1.16
C PHE D 152 -17.76 0.20 -0.12
N ALA D 153 -17.97 1.48 0.13
CA ALA D 153 -19.00 1.91 1.09
C ALA D 153 -19.14 3.42 0.98
N GLY D 154 -19.98 4.00 1.85
CA GLY D 154 -20.17 5.43 1.82
C GLY D 154 -18.97 6.12 2.46
N ALA D 155 -19.01 7.44 2.54
CA ALA D 155 -17.90 8.17 3.12
C ALA D 155 -17.68 7.91 4.62
N PRO D 156 -18.77 7.90 5.42
CA PRO D 156 -18.57 7.66 6.85
C PRO D 156 -17.86 6.32 7.15
N TYR D 157 -18.35 5.26 6.52
CA TYR D 157 -17.79 3.93 6.73
C TYR D 157 -16.33 3.85 6.26
N THR D 158 -16.08 4.37 5.06
CA THR D 158 -14.73 4.37 4.50
C THR D 158 -13.75 5.14 5.37
N VAL D 159 -14.16 6.30 5.85
CA VAL D 159 -13.29 7.11 6.71
C VAL D 159 -13.06 6.39 8.06
N ALA D 160 -14.13 5.86 8.64
CA ALA D 160 -14.01 5.17 9.92
C ALA D 160 -13.08 3.96 9.83
N LYS D 161 -13.22 3.17 8.78
CA LYS D 161 -12.39 1.99 8.60
C LYS D 161 -10.94 2.35 8.31
N HIS D 162 -10.74 3.46 7.58
CA HIS D 162 -9.36 3.89 7.30
C HIS D 162 -8.77 4.31 8.64
N GLY D 163 -9.55 5.02 9.44
CA GLY D 163 -9.08 5.44 10.75
C GLY D 163 -8.80 4.26 11.67
N LEU D 164 -9.60 3.21 11.57
CA LEU D 164 -9.41 2.03 12.41
C LEU D 164 -8.09 1.34 12.07
N ILE D 165 -7.72 1.35 10.78
CA ILE D 165 -6.44 0.75 10.39
C ILE D 165 -5.34 1.64 10.98
N GLY D 166 -5.55 2.94 10.98
CA GLY D 166 -4.56 3.85 11.56
C GLY D 166 -4.39 3.61 13.05
N LEU D 167 -5.49 3.36 13.75
CA LEU D 167 -5.46 3.10 15.18
C LEU D 167 -4.67 1.81 15.43
N THR D 168 -4.86 0.83 14.55
CA THR D 168 -4.16 -0.46 14.63
C THR D 168 -2.65 -0.25 14.49
N ARG D 169 -2.23 0.47 13.46
CA ARG D 169 -0.81 0.73 13.22
C ARG D 169 -0.19 1.53 14.36
N SER D 170 -0.93 2.48 14.90
CA SER D 170 -0.44 3.29 16.03
C SER D 170 -0.15 2.42 17.25
N ILE D 171 -1.11 1.59 17.64
CA ILE D 171 -0.93 0.71 18.80
C ILE D 171 0.25 -0.24 18.56
N ALA D 172 0.32 -0.82 17.38
CA ALA D 172 1.40 -1.75 17.07
C ALA D 172 2.77 -1.09 17.16
N ALA D 173 2.87 0.14 16.64
CA ALA D 173 4.11 0.89 16.66
C ALA D 173 4.55 1.25 18.07
N HIS D 174 3.64 1.81 18.86
CA HIS D 174 3.96 2.24 20.21
C HIS D 174 4.07 1.19 21.28
N TYR D 175 3.32 0.12 21.17
CA TYR D 175 3.34 -0.91 22.21
C TYR D 175 3.89 -2.26 21.82
N GLY D 176 4.33 -2.38 20.57
CA GLY D 176 4.83 -3.66 20.09
C GLY D 176 6.04 -4.21 20.81
N ASP D 177 6.84 -3.34 21.41
CA ASP D 177 8.04 -3.77 22.11
C ASP D 177 7.72 -4.10 23.56
N GLN D 178 6.48 -3.87 23.95
CA GLN D 178 6.05 -4.13 25.33
C GLN D 178 5.12 -5.32 25.49
N GLY D 179 5.04 -6.16 24.46
CA GLY D 179 4.21 -7.36 24.54
C GLY D 179 2.81 -7.28 23.96
N ILE D 180 2.47 -6.15 23.34
CA ILE D 180 1.16 -6.03 22.75
C ILE D 180 1.21 -6.14 21.24
N ARG D 181 0.25 -6.86 20.66
CA ARG D 181 0.17 -6.96 19.22
C ARG D 181 -1.19 -6.40 18.84
N ALA D 182 -1.23 -5.61 17.77
CA ALA D 182 -2.49 -5.05 17.29
C ALA D 182 -2.51 -5.34 15.81
N VAL D 183 -3.56 -6.03 15.36
CA VAL D 183 -3.68 -6.36 13.94
C VAL D 183 -5.10 -6.09 13.47
N ALA D 184 -5.26 -5.91 12.16
CA ALA D 184 -6.58 -5.66 11.59
C ALA D 184 -6.88 -6.74 10.57
N VAL D 185 -8.14 -7.12 10.47
CA VAL D 185 -8.60 -8.11 9.51
C VAL D 185 -9.59 -7.35 8.63
N LEU D 186 -9.39 -7.46 7.32
CA LEU D 186 -10.19 -6.74 6.35
C LEU D 186 -11.05 -7.64 5.48
N PRO D 187 -12.32 -7.87 5.89
CA PRO D 187 -13.19 -8.72 5.07
C PRO D 187 -13.66 -7.97 3.83
N GLY D 188 -14.15 -8.71 2.84
CA GLY D 188 -14.66 -8.09 1.63
C GLY D 188 -16.18 -8.06 1.72
N THR D 189 -16.82 -9.12 1.23
CA THR D 189 -18.27 -9.19 1.29
C THR D 189 -18.65 -10.48 2.00
N VAL D 190 -19.36 -10.35 3.11
CA VAL D 190 -19.76 -11.50 3.90
C VAL D 190 -21.26 -11.46 4.18
N LYS D 191 -21.90 -12.62 4.09
CA LYS D 191 -23.33 -12.73 4.32
C LYS D 191 -23.64 -12.65 5.81
N THR D 192 -24.07 -11.47 6.28
CA THR D 192 -24.41 -11.28 7.69
C THR D 192 -25.66 -10.41 7.80
N ASN D 193 -25.81 -9.71 8.92
CA ASN D 193 -26.97 -8.84 9.14
C ASN D 193 -26.66 -7.35 8.97
N ILE D 194 -25.42 -7.04 8.60
CA ILE D 194 -25.04 -5.64 8.44
C ILE D 194 -25.71 -5.01 7.22
N GLY D 195 -25.85 -5.78 6.14
CA GLY D 195 -26.46 -5.26 4.94
C GLY D 195 -25.74 -4.02 4.45
N LEU D 196 -26.48 -3.08 3.88
CA LEU D 196 -25.90 -1.84 3.39
C LEU D 196 -26.20 -0.67 4.32
N GLY D 197 -26.82 -0.96 5.46
CA GLY D 197 -27.15 0.09 6.42
C GLY D 197 -28.39 0.88 6.03
N SER D 198 -29.10 0.43 5.00
CA SER D 198 -30.32 1.10 4.54
C SER D 198 -31.02 0.26 3.49
N SER D 199 -32.36 0.35 3.45
CA SER D 199 -33.10 -0.39 2.44
C SER D 199 -33.18 0.48 1.19
N LYS D 200 -32.73 1.72 1.30
CA LYS D 200 -32.72 2.67 0.18
C LYS D 200 -31.35 3.36 0.14
N PRO D 201 -30.29 2.59 -0.15
CA PRO D 201 -28.94 3.16 -0.21
C PRO D 201 -28.82 4.24 -1.28
N SER D 202 -27.84 5.13 -1.11
CA SER D 202 -27.63 6.21 -2.06
C SER D 202 -27.47 5.71 -3.50
N GLU D 203 -28.21 6.35 -4.41
CA GLU D 203 -28.16 6.01 -5.82
C GLU D 203 -26.74 6.19 -6.34
N LEU D 204 -26.14 7.35 -6.05
CA LEU D 204 -24.77 7.64 -6.50
C LEU D 204 -23.77 6.67 -5.87
N GLY D 205 -23.91 6.44 -4.57
CA GLY D 205 -23.02 5.52 -3.89
C GLY D 205 -23.12 4.13 -4.50
N MET D 206 -24.34 3.70 -4.76
CA MET D 206 -24.57 2.38 -5.35
C MET D 206 -24.00 2.25 -6.75
N ARG D 207 -23.99 3.32 -7.52
CA ARG D 207 -23.45 3.25 -8.88
C ARG D 207 -22.03 2.71 -8.83
N THR D 208 -21.27 3.16 -7.83
CA THR D 208 -19.89 2.71 -7.67
C THR D 208 -19.79 1.32 -7.04
N LEU D 209 -20.52 1.10 -5.95
CA LEU D 209 -20.46 -0.19 -5.28
C LEU D 209 -20.87 -1.36 -6.18
N THR D 210 -21.90 -1.13 -6.99
CA THR D 210 -22.41 -2.16 -7.90
C THR D 210 -21.32 -2.68 -8.84
N LYS D 211 -20.51 -1.77 -9.36
CA LYS D 211 -19.42 -2.12 -10.26
C LYS D 211 -18.41 -3.02 -9.54
N LEU D 212 -18.07 -2.65 -8.31
CA LEU D 212 -17.13 -3.42 -7.52
C LEU D 212 -17.70 -4.79 -7.16
N MET D 213 -18.98 -4.84 -6.80
CA MET D 213 -19.61 -6.10 -6.46
C MET D 213 -19.74 -7.02 -7.68
N SER D 214 -19.50 -6.48 -8.87
CA SER D 214 -19.58 -7.27 -10.10
C SER D 214 -18.28 -8.03 -10.37
N LEU D 215 -17.23 -7.72 -9.61
CA LEU D 215 -15.93 -8.35 -9.81
C LEU D 215 -15.87 -9.82 -9.40
N SER D 216 -16.55 -10.19 -8.32
CA SER D 216 -16.54 -11.57 -7.85
C SER D 216 -17.86 -12.04 -7.27
N SER D 217 -18.17 -13.32 -7.47
CA SER D 217 -19.40 -13.91 -6.97
C SER D 217 -19.18 -14.68 -5.67
N ARG D 218 -17.92 -15.01 -5.37
CA ARG D 218 -17.61 -15.77 -4.17
C ARG D 218 -17.72 -14.93 -2.89
N LEU D 219 -18.58 -15.38 -1.99
CA LEU D 219 -18.82 -14.70 -0.71
C LEU D 219 -18.34 -15.53 0.47
N ALA D 220 -17.58 -14.91 1.36
CA ALA D 220 -17.07 -15.61 2.53
C ALA D 220 -18.19 -15.76 3.56
N GLU D 221 -18.09 -16.81 4.37
CA GLU D 221 -19.07 -17.06 5.44
C GLU D 221 -18.43 -16.41 6.66
N PRO D 222 -19.23 -16.10 7.70
CA PRO D 222 -18.66 -15.47 8.90
C PRO D 222 -17.50 -16.28 9.49
N GLU D 223 -17.61 -17.60 9.47
CA GLU D 223 -16.57 -18.46 10.00
C GLU D 223 -15.23 -18.27 9.29
N ASP D 224 -15.26 -17.96 8.00
CA ASP D 224 -14.02 -17.76 7.25
C ASP D 224 -13.25 -16.57 7.79
N ILE D 225 -13.98 -15.60 8.33
CA ILE D 225 -13.35 -14.41 8.90
C ILE D 225 -12.90 -14.75 10.33
N ALA D 226 -13.77 -15.40 11.08
CA ALA D 226 -13.44 -15.77 12.45
C ALA D 226 -12.18 -16.65 12.50
N ASN D 227 -12.03 -17.55 11.53
CA ASN D 227 -10.86 -18.43 11.46
C ASN D 227 -9.55 -17.64 11.47
N VAL D 228 -9.51 -16.54 10.72
CA VAL D 228 -8.30 -15.72 10.64
C VAL D 228 -8.10 -14.90 11.91
N ILE D 229 -9.21 -14.37 12.44
CA ILE D 229 -9.12 -13.58 13.65
C ILE D 229 -8.58 -14.42 14.81
N VAL D 230 -9.08 -15.64 14.95
CA VAL D 230 -8.63 -16.50 16.03
C VAL D 230 -7.17 -16.90 15.83
N PHE D 231 -6.78 -17.21 14.60
CA PHE D 231 -5.38 -17.53 14.37
C PHE D 231 -4.47 -16.37 14.77
N LEU D 232 -4.85 -15.15 14.38
CA LEU D 232 -4.02 -13.99 14.70
C LEU D 232 -3.95 -13.69 16.19
N ALA D 233 -4.94 -14.18 16.94
CA ALA D 233 -4.97 -13.96 18.37
C ALA D 233 -4.09 -14.99 19.10
N SER D 234 -3.75 -16.08 18.41
CA SER D 234 -2.94 -17.15 19.02
C SER D 234 -1.44 -16.87 18.96
N ASP D 235 -0.68 -17.60 19.76
CA ASP D 235 0.76 -17.44 19.80
C ASP D 235 1.41 -17.84 18.46
N GLU D 236 0.67 -18.51 17.60
CA GLU D 236 1.19 -18.93 16.28
C GLU D 236 1.51 -17.68 15.46
N ALA D 237 0.80 -16.59 15.77
CA ALA D 237 0.97 -15.33 15.07
C ALA D 237 1.78 -14.33 15.89
N SER D 238 2.64 -14.85 16.76
CA SER D 238 3.45 -14.00 17.64
C SER D 238 4.26 -12.94 16.93
N PHE D 239 4.59 -13.16 15.66
CA PHE D 239 5.34 -12.16 14.91
C PHE D 239 4.53 -11.36 13.90
N VAL D 240 3.21 -11.43 14.01
CA VAL D 240 2.34 -10.65 13.13
C VAL D 240 1.88 -9.48 14.02
N ASN D 241 2.33 -8.28 13.68
CA ASN D 241 1.95 -7.11 14.47
C ASN D 241 1.83 -5.87 13.60
N GLY D 242 0.65 -5.26 13.63
CA GLY D 242 0.42 -4.04 12.87
C GLY D 242 -0.05 -4.23 11.43
N ASP D 243 -0.11 -5.47 10.96
CA ASP D 243 -0.54 -5.70 9.58
C ASP D 243 -2.06 -5.65 9.41
N ALA D 244 -2.49 -5.31 8.20
CA ALA D 244 -3.91 -5.27 7.85
C ALA D 244 -4.08 -6.46 6.92
N VAL D 245 -4.52 -7.58 7.48
CA VAL D 245 -4.70 -8.82 6.74
C VAL D 245 -6.00 -8.82 5.97
N VAL D 246 -5.90 -8.97 4.65
CA VAL D 246 -7.06 -8.97 3.78
C VAL D 246 -7.61 -10.39 3.61
N VAL D 247 -8.91 -10.53 3.88
CA VAL D 247 -9.57 -11.82 3.79
C VAL D 247 -10.81 -11.59 2.93
N ASP D 248 -10.58 -11.40 1.63
CA ASP D 248 -11.67 -11.09 0.71
C ASP D 248 -11.75 -12.01 -0.49
N GLY D 249 -11.05 -13.14 -0.43
CA GLY D 249 -11.08 -14.10 -1.52
C GLY D 249 -10.35 -13.64 -2.77
N GLY D 250 -9.70 -12.48 -2.69
CA GLY D 250 -8.96 -11.97 -3.83
C GLY D 250 -9.63 -10.78 -4.51
N LEU D 251 -10.78 -10.35 -4.00
CA LEU D 251 -11.50 -9.24 -4.61
C LEU D 251 -10.63 -8.00 -4.86
N THR D 252 -9.88 -7.56 -3.86
CA THR D 252 -9.05 -6.36 -4.04
C THR D 252 -7.71 -6.57 -4.72
N VAL D 253 -7.35 -7.81 -5.04
CA VAL D 253 -6.08 -8.06 -5.70
C VAL D 253 -6.26 -7.92 -7.22
N LEU D 254 -7.50 -7.92 -7.68
CA LEU D 254 -7.76 -7.75 -9.11
C LEU D 254 -7.32 -6.35 -9.52
PA NAD E . 3.43 2.71 -27.24
O1A NAD E . 2.49 3.70 -27.81
O2A NAD E . 3.52 1.34 -27.85
O5B NAD E . 4.85 3.40 -27.19
C5B NAD E . 6.01 2.66 -26.71
C4B NAD E . 7.15 2.93 -27.64
O4B NAD E . 8.24 2.10 -27.07
C3B NAD E . 6.93 2.42 -29.09
O3B NAD E . 7.20 3.50 -30.04
C2B NAD E . 7.86 1.26 -29.25
O2B NAD E . 8.34 0.94 -30.52
C1B NAD E . 8.92 1.56 -28.17
N9A NAD E . 9.55 0.33 -27.77
C8A NAD E . 9.03 -0.93 -27.44
N7A NAD E . 9.97 -1.82 -27.14
C5A NAD E . 11.15 -1.20 -27.25
C6A NAD E . 12.52 -1.63 -27.06
N6A NAD E . 12.82 -2.87 -26.71
N1A NAD E . 13.48 -0.65 -27.27
C2A NAD E . 13.23 0.62 -27.63
N3A NAD E . 11.94 1.10 -27.83
C4A NAD E . 10.91 0.15 -27.63
O3 NAD E . 3.14 2.46 -25.68
PN NAD E . 2.73 3.47 -24.45
O1N NAD E . 1.36 3.10 -24.11
O2N NAD E . 3.10 4.86 -24.90
O5D NAD E . 3.55 3.01 -23.19
C5D NAD E . 4.93 3.25 -22.95
C4D NAD E . 5.06 2.94 -21.49
O4D NAD E . 3.75 3.23 -20.75
C3D NAD E . 5.29 1.42 -21.22
O3D NAD E . 6.26 1.24 -20.20
C2D NAD E . 3.91 0.89 -20.80
O2D NAD E . 4.00 -0.33 -20.12
C1D NAD E . 3.40 2.09 -19.94
N1N NAD E . 1.91 2.05 -19.62
C2N NAD E . 0.95 2.22 -20.68
C3N NAD E . -0.37 2.19 -20.44
C7N NAD E . -1.36 2.37 -21.54
O7N NAD E . -2.56 2.05 -21.32
N7N NAD E . -0.96 2.88 -22.71
C4N NAD E . -0.95 1.97 -19.03
C5N NAD E . 0.09 1.80 -17.95
C6N NAD E . 1.47 1.84 -18.28
C1 GOL F . -3.28 -2.07 -22.19
O1 GOL F . -4.25 -2.91 -21.58
C2 GOL F . -2.52 -1.29 -21.12
O2 GOL F . -3.42 -0.48 -20.35
C3 GOL F . -1.66 -2.20 -20.23
O3 GOL F . -0.93 -1.42 -19.29
PA NAD G . 18.46 -20.21 4.56
O1A NAD G . 18.53 -20.57 5.99
O2A NAD G . 19.72 -19.91 3.79
O5B NAD G . 17.66 -21.37 3.87
C5B NAD G . 17.43 -21.38 2.43
C4B NAD G . 17.60 -22.80 1.94
O4B NAD G . 17.37 -22.66 0.49
C3B NAD G . 19.05 -23.36 2.08
O3B NAD G . 19.00 -24.67 2.71
C2B NAD G . 19.61 -23.41 0.70
O2B NAD G . 20.58 -24.36 0.39
C1B NAD G . 18.32 -23.47 -0.15
N9A NAD G . 18.60 -22.93 -1.46
C8A NAD G . 19.25 -21.78 -1.89
N7A NAD G . 19.31 -21.67 -3.20
C5A NAD G . 18.67 -22.73 -3.71
C6A NAD G . 18.41 -23.18 -5.08
N6A NAD G . 18.81 -22.50 -6.14
N1A NAD G . 17.70 -24.37 -5.16
C2A NAD G . 17.26 -25.11 -4.14
N3A NAD G . 17.50 -24.73 -2.82
C4A NAD G . 18.21 -23.54 -2.64
O3 NAD G . 17.47 -18.97 4.31
PN NAD G . 16.03 -18.53 4.96
O1N NAD G . 16.35 -17.34 5.74
O2N NAD G . 15.42 -19.77 5.57
O5D NAD G . 15.16 -17.96 3.79
C5D NAD G . 14.48 -18.71 2.82
C4D NAD G . 13.48 -17.74 2.28
O4D NAD G . 13.10 -16.72 3.34
C3D NAD G . 14.06 -16.90 1.11
O3D NAD G . 13.07 -16.69 0.10
C2D NAD G . 14.45 -15.58 1.78
O2D NAD G . 14.66 -14.54 0.85
C1D NAD G . 13.24 -15.39 2.75
N1N NAD G . 13.43 -14.34 3.82
C2N NAD G . 14.41 -14.53 4.86
C3N NAD G . 14.59 -13.61 5.82
C7N NAD G . 15.61 -13.81 6.91
O7N NAD G . 15.96 -12.79 7.58
N7N NAD G . 16.11 -15.02 7.15
C4N NAD G . 13.80 -12.30 5.87
C5N NAD G . 12.78 -12.15 4.76
C6N NAD G . 12.64 -13.17 3.78
C1 GOL H . -11.81 -13.37 -8.25
O1 GOL H . -11.93 -13.01 -6.87
C2 GOL H . -10.34 -13.66 -8.60
O2 GOL H . -9.52 -13.75 -7.42
C3 GOL H . -10.20 -14.93 -9.45
O3 GOL H . -10.49 -14.66 -10.82
PA NAD I . 1.64 25.41 11.07
O1A NAD I . 2.88 26.13 10.72
O2A NAD I . 1.25 25.28 12.51
O5B NAD I . 0.49 26.09 10.23
C5B NAD I . -0.90 25.68 10.41
C4B NAD I . -1.76 26.92 10.36
O4B NAD I . -3.11 26.38 10.60
C3B NAD I . -1.49 27.93 11.54
O3B NAD I . -1.31 29.28 11.02
C2B NAD I . -2.68 27.82 12.45
O2B NAD I . -3.04 28.92 13.20
C1B NAD I . -3.77 27.27 11.49
N9A NAD I . -4.75 26.52 12.23
C8A NAD I . -4.65 25.57 13.24
N7A NAD I . -5.82 25.12 13.68
C5A NAD I . -6.76 25.74 12.96
C6A NAD I . -8.23 25.69 12.97
N6A NAD I . -8.90 24.91 13.80
N1A NAD I . -8.85 26.52 12.04
C2A NAD I . -8.22 27.34 11.17
N3A NAD I . -6.82 27.44 11.13
C4A NAD I . -6.13 26.63 12.04
O3 NAD I . 1.62 23.92 10.49
PN NAD I . 2.12 23.25 9.08
O1N NAD I . 3.29 22.44 9.46
O2N NAD I . 2.23 24.37 8.10
O5D NAD I . 1.05 22.17 8.70
C5D NAD I . -0.22 22.42 8.16
C4D NAD I . -0.62 21.09 7.62
O4D NAD I . 0.61 20.27 7.20
C3D NAD I . -1.32 20.22 8.67
O3D NAD I . -2.40 19.50 8.09
C2D NAD I . -0.22 19.26 9.15
O2D NAD I . -0.73 18.14 9.83
C1D NAD I . 0.51 18.95 7.80
N1N NAD I . 1.87 18.30 7.95
C2N NAD I . 2.95 19.04 8.56
C3N NAD I . 4.18 18.49 8.71
C7N NAD I . 5.31 19.25 9.35
O7N NAD I . 6.30 18.61 9.77
N7N NAD I . 5.24 20.59 9.45
C4N NAD I . 4.49 17.07 8.27
C5N NAD I . 3.32 16.34 7.63
C6N NAD I . 2.06 16.99 7.50
C1 GOL J . 5.79 16.71 13.90
O1 GOL J . 6.48 17.96 14.00
C2 GOL J . 5.19 16.55 12.50
O2 GOL J . 6.18 16.08 11.58
C3 GOL J . 3.96 15.65 12.50
O3 GOL J . 3.43 15.55 11.19
S SO4 K . -5.72 17.71 26.70
O1 SO4 K . -5.11 18.73 27.59
O2 SO4 K . -4.95 17.64 25.44
O3 SO4 K . -5.71 16.40 27.37
O4 SO4 K . -7.12 18.11 26.40
PA NAD L . -23.78 -7.96 11.84
O1A NAD L . -24.20 -9.32 11.40
O2A NAD L . -24.77 -6.82 11.76
O5B NAD L . -23.25 -8.13 13.31
C5B NAD L . -22.79 -6.97 14.05
C4B NAD L . -23.31 -7.10 15.45
O4B NAD L . -22.82 -5.86 16.09
C3B NAD L . -24.87 -7.06 15.59
O3B NAD L . -25.30 -8.21 16.38
C2B NAD L . -25.19 -5.75 16.26
O2B NAD L . -26.33 -5.67 17.06
C1B NAD L . -23.84 -5.42 16.95
N9A NAD L . -23.71 -4.01 17.13
C8A NAD L . -23.94 -2.93 16.28
N7A NAD L . -23.71 -1.77 16.85
C5A NAD L . -23.33 -2.01 18.11
C6A NAD L . -22.97 -1.15 19.23
N6A NAD L . -22.97 0.17 19.13
N1A NAD L . -22.63 -1.82 20.39
C2A NAD L . -22.61 -3.16 20.56
N3A NAD L . -22.97 -4.03 19.53
C4A NAD L . -23.32 -3.41 18.32
O3 NAD L . -22.47 -7.47 11.06
PN NAD L . -21.11 -8.24 10.59
O1N NAD L . -21.22 -8.29 9.12
O2N NAD L . -20.97 -9.46 11.43
O5D NAD L . -19.93 -7.22 10.83
C5D NAD L . -19.37 -6.90 12.08
C4D NAD L . -18.06 -6.27 11.72
O4D NAD L . -17.55 -6.80 10.39
C3D NAD L . -18.17 -4.74 11.50
O3D NAD L . -17.04 -4.08 12.06
C2D NAD L . -18.21 -4.59 9.98
O2D NAD L . -17.92 -3.28 9.55
C1D NAD L . -17.19 -5.68 9.53
N1N NAD L . -17.26 -6.05 8.07
C2N NAD L . -18.41 -6.74 7.56
C3N NAD L . -18.51 -7.09 6.26
C7N NAD L . -19.73 -7.82 5.72
O7N NAD L . -19.92 -7.82 4.48
N7N NAD L . -20.56 -8.43 6.57
C4N NAD L . -17.41 -6.76 5.25
C5N NAD L . -16.22 -6.03 5.83
C6N NAD L . -16.19 -5.70 7.21
C1 GOL M . -21.59 -3.73 2.99
O1 GOL M . -22.55 -4.78 2.89
C2 GOL M . -20.32 -4.24 3.68
O2 GOL M . -19.73 -5.31 2.92
C3 GOL M . -19.30 -3.13 3.93
O3 GOL M . -18.20 -3.64 4.66
C1 GOL N . -28.77 16.20 -2.02
O1 GOL N . -28.83 14.94 -1.34
C2 GOL N . -28.58 16.02 -3.54
O2 GOL N . -29.79 15.62 -4.20
C3 GOL N . -27.41 15.10 -3.90
O3 GOL N . -26.98 15.38 -5.21
#